data_421D
# 
_entry.id   421D 
# 
_audit_conform.dict_name       mmcif_pdbx.dic 
_audit_conform.dict_version    5.383 
_audit_conform.dict_location   http://mmcif.pdb.org/dictionaries/ascii/mmcif_pdbx.dic 
# 
loop_
_database_2.database_id 
_database_2.database_code 
_database_2.pdbx_database_accession 
_database_2.pdbx_DOI 
PDB   421D         pdb_0000421d 10.2210/pdb421d/pdb 
NDB   DR0003       ?            ?                   
RCSB  RCSB001351   ?            ?                   
WWPDB D_1000001351 ?            ?                   
# 
loop_
_pdbx_audit_revision_history.ordinal 
_pdbx_audit_revision_history.data_content_type 
_pdbx_audit_revision_history.major_revision 
_pdbx_audit_revision_history.minor_revision 
_pdbx_audit_revision_history.revision_date 
1 'Structure model' 1 0 1999-01-05 
2 'Structure model' 1 1 2008-04-26 
3 'Structure model' 1 2 2011-07-13 
4 'Structure model' 1 3 2023-12-27 
# 
_pdbx_audit_revision_details.ordinal             1 
_pdbx_audit_revision_details.revision_ordinal    1 
_pdbx_audit_revision_details.data_content_type   'Structure model' 
_pdbx_audit_revision_details.provider            repository 
_pdbx_audit_revision_details.type                'Initial release' 
_pdbx_audit_revision_details.description         ? 
_pdbx_audit_revision_details.details             ? 
# 
loop_
_pdbx_audit_revision_group.ordinal 
_pdbx_audit_revision_group.revision_ordinal 
_pdbx_audit_revision_group.data_content_type 
_pdbx_audit_revision_group.group 
1 2 'Structure model' 'Version format compliance' 
2 3 'Structure model' 'Version format compliance' 
3 4 'Structure model' 'Data collection'           
4 4 'Structure model' 'Database references'       
5 4 'Structure model' 'Derived calculations'      
# 
loop_
_pdbx_audit_revision_category.ordinal 
_pdbx_audit_revision_category.revision_ordinal 
_pdbx_audit_revision_category.data_content_type 
_pdbx_audit_revision_category.category 
1 4 'Structure model' chem_comp_atom 
2 4 'Structure model' chem_comp_bond 
3 4 'Structure model' database_2     
4 4 'Structure model' struct_conn    
# 
loop_
_pdbx_audit_revision_item.ordinal 
_pdbx_audit_revision_item.revision_ordinal 
_pdbx_audit_revision_item.data_content_type 
_pdbx_audit_revision_item.item 
1 4 'Structure model' '_database_2.pdbx_DOI'                
2 4 'Structure model' '_database_2.pdbx_database_accession' 
3 4 'Structure model' '_struct_conn.pdbx_leaving_atom_flag' 
# 
_pdbx_database_status.status_code                     REL 
_pdbx_database_status.entry_id                        421D 
_pdbx_database_status.recvd_initial_deposition_date   1998-08-16 
_pdbx_database_status.deposit_site                    NDB 
_pdbx_database_status.process_site                    NDB 
_pdbx_database_status.SG_entry                        . 
_pdbx_database_status.status_code_sf                  REL 
_pdbx_database_status.status_code_mr                  ? 
_pdbx_database_status.pdb_format_compatible           Y 
_pdbx_database_status.status_code_cs                  ? 
_pdbx_database_status.status_code_nmr_data            ? 
_pdbx_database_status.methods_development_category    ? 
# 
loop_
_audit_author.name 
_audit_author.pdbx_ordinal 
'Xiong, Y.'         1 
'Sundaralingam, M.' 2 
# 
_citation.id                        primary 
_citation.title                     
'Crystal structure and conformation of a DNA-RNA hybrid duplex with a polypurine RNA strand: d(TTCTTBr5CTTC)-r(GAAGAAGAA).' 
_citation.journal_abbrev            Structure 
_citation.journal_volume            6 
_citation.page_first                1493 
_citation.page_last                 1501 
_citation.year                      1998 
_citation.journal_id_ASTM           STRUE6 
_citation.country                   UK 
_citation.journal_id_ISSN           0969-2126 
_citation.journal_id_CSD            2005 
_citation.book_publisher            ? 
_citation.pdbx_database_id_PubMed   9862803 
_citation.pdbx_database_id_DOI      '10.1016/S0969-2126(98)00148-8' 
# 
loop_
_citation_author.citation_id 
_citation_author.name 
_citation_author.ordinal 
_citation_author.identifier_ORCID 
primary 'Xiong, Y.'         1 ? 
primary 'Sundaralingam, M.' 2 ? 
# 
loop_
_entity.id 
_entity.type 
_entity.src_method 
_entity.pdbx_description 
_entity.formula_weight 
_entity.pdbx_number_of_molecules 
_entity.pdbx_ec 
_entity.pdbx_mutation 
_entity.pdbx_fragment 
_entity.details 
1 polymer syn 
;DNA (5'-D(*TP*TP*CP*TP*TP*(CBR)P*TP*TP*C)-3')
;
2726.641 1  ? ? ? ? 
2 polymer syn 
;RNA (5'-R(*GP*AP*AP*GP*AP*AP*GP*AP*A)-3')
;
2965.895 1  ? ? ? ? 
3 water   nat water                                           18.015   56 ? ? ? ? 
# 
loop_
_entity_poly.entity_id 
_entity_poly.type 
_entity_poly.nstd_linkage 
_entity_poly.nstd_monomer 
_entity_poly.pdbx_seq_one_letter_code 
_entity_poly.pdbx_seq_one_letter_code_can 
_entity_poly.pdbx_strand_id 
_entity_poly.pdbx_target_identifier 
1 polydeoxyribonucleotide no yes '(DT)(DT)(DC)(DT)(DT)(CBR)(DT)(DT)(DC)' TTCTTCTTC A ? 
2 polyribonucleotide      no no  GAAGAAGAA                               GAAGAAGAA B ? 
# 
_pdbx_entity_nonpoly.entity_id   3 
_pdbx_entity_nonpoly.name        water 
_pdbx_entity_nonpoly.comp_id     HOH 
# 
loop_
_entity_poly_seq.entity_id 
_entity_poly_seq.num 
_entity_poly_seq.mon_id 
_entity_poly_seq.hetero 
1 1 DT  n 
1 2 DT  n 
1 3 DC  n 
1 4 DT  n 
1 5 DT  n 
1 6 CBR n 
1 7 DT  n 
1 8 DT  n 
1 9 DC  n 
2 1 G   n 
2 2 A   n 
2 3 A   n 
2 4 G   n 
2 5 A   n 
2 6 A   n 
2 7 G   n 
2 8 A   n 
2 9 A   n 
# 
loop_
_chem_comp.id 
_chem_comp.type 
_chem_comp.mon_nstd_flag 
_chem_comp.name 
_chem_comp.pdbx_synonyms 
_chem_comp.formula 
_chem_comp.formula_weight 
A   'RNA linking' y "ADENOSINE-5'-MONOPHOSPHATE"                 ? 'C10 H14 N5 O7 P'   347.221 
CBR 'DNA linking' n "5-BROMO-2'-DEOXY-CYTIDINE-5'-MONOPHOSPHATE" ? 'C9 H13 Br N3 O7 P' 386.093 
DC  'DNA linking' y "2'-DEOXYCYTIDINE-5'-MONOPHOSPHATE"          ? 'C9 H14 N3 O7 P'    307.197 
DT  'DNA linking' y "THYMIDINE-5'-MONOPHOSPHATE"                 ? 'C10 H15 N2 O8 P'   322.208 
G   'RNA linking' y "GUANOSINE-5'-MONOPHOSPHATE"                 ? 'C10 H14 N5 O8 P'   363.221 
HOH non-polymer   . WATER                                        ? 'H2 O'              18.015  
# 
loop_
_pdbx_poly_seq_scheme.asym_id 
_pdbx_poly_seq_scheme.entity_id 
_pdbx_poly_seq_scheme.seq_id 
_pdbx_poly_seq_scheme.mon_id 
_pdbx_poly_seq_scheme.ndb_seq_num 
_pdbx_poly_seq_scheme.pdb_seq_num 
_pdbx_poly_seq_scheme.auth_seq_num 
_pdbx_poly_seq_scheme.pdb_mon_id 
_pdbx_poly_seq_scheme.auth_mon_id 
_pdbx_poly_seq_scheme.pdb_strand_id 
_pdbx_poly_seq_scheme.pdb_ins_code 
_pdbx_poly_seq_scheme.hetero 
A 1 1 DT  1 1  1  DT  T   A . n 
A 1 2 DT  2 2  2  DT  T   A . n 
A 1 3 DC  3 3  3  DC  C   A . n 
A 1 4 DT  4 4  4  DT  T   A . n 
A 1 5 DT  5 5  5  DT  T   A . n 
A 1 6 CBR 6 6  6  CBR BRO A . n 
A 1 7 DT  7 7  7  DT  T   A . n 
A 1 8 DT  8 8  8  DT  T   A . n 
A 1 9 DC  9 9  9  DC  C   A . n 
B 2 1 G   1 10 10 G   G   B . n 
B 2 2 A   2 11 11 A   A   B . n 
B 2 3 A   3 12 12 A   A   B . n 
B 2 4 G   4 13 13 G   G   B . n 
B 2 5 A   5 14 14 A   A   B . n 
B 2 6 A   6 15 15 A   A   B . n 
B 2 7 G   7 16 16 G   G   B . n 
B 2 8 A   8 17 17 A   A   B . n 
B 2 9 A   9 18 18 A   A   B . n 
# 
loop_
_pdbx_nonpoly_scheme.asym_id 
_pdbx_nonpoly_scheme.entity_id 
_pdbx_nonpoly_scheme.mon_id 
_pdbx_nonpoly_scheme.ndb_seq_num 
_pdbx_nonpoly_scheme.pdb_seq_num 
_pdbx_nonpoly_scheme.auth_seq_num 
_pdbx_nonpoly_scheme.pdb_mon_id 
_pdbx_nonpoly_scheme.auth_mon_id 
_pdbx_nonpoly_scheme.pdb_strand_id 
_pdbx_nonpoly_scheme.pdb_ins_code 
C 3 HOH 1  101 101 HOH HOH A . 
C 3 HOH 2  102 102 HOH HOH A . 
C 3 HOH 3  103 103 HOH HOH A . 
C 3 HOH 4  110 110 HOH HOH A . 
C 3 HOH 5  111 111 HOH HOH A . 
C 3 HOH 6  119 119 HOH HOH A . 
C 3 HOH 7  120 120 HOH HOH A . 
C 3 HOH 8  125 125 HOH HOH A . 
C 3 HOH 9  126 126 HOH HOH A . 
C 3 HOH 10 127 127 HOH HOH A . 
C 3 HOH 11 128 128 HOH HOH A . 
C 3 HOH 12 130 130 HOH HOH A . 
C 3 HOH 13 133 133 HOH HOH A . 
C 3 HOH 14 139 139 HOH HOH A . 
C 3 HOH 15 141 141 HOH HOH A . 
C 3 HOH 16 144 144 HOH HOH A . 
C 3 HOH 17 145 145 HOH HOH A . 
C 3 HOH 18 146 146 HOH HOH A . 
C 3 HOH 19 147 147 HOH HOH A . 
C 3 HOH 20 149 149 HOH HOH A . 
C 3 HOH 21 150 150 HOH HOH A . 
C 3 HOH 22 151 151 HOH HOH A . 
C 3 HOH 23 152 152 HOH HOH A . 
C 3 HOH 24 154 154 HOH HOH A . 
D 3 HOH 1  104 104 HOH HOH B . 
D 3 HOH 2  105 105 HOH HOH B . 
D 3 HOH 3  106 106 HOH HOH B . 
D 3 HOH 4  107 107 HOH HOH B . 
D 3 HOH 5  108 108 HOH HOH B . 
D 3 HOH 6  109 109 HOH HOH B . 
D 3 HOH 7  112 112 HOH HOH B . 
D 3 HOH 8  113 113 HOH HOH B . 
D 3 HOH 9  114 114 HOH HOH B . 
D 3 HOH 10 115 115 HOH HOH B . 
D 3 HOH 11 116 116 HOH HOH B . 
D 3 HOH 12 117 117 HOH HOH B . 
D 3 HOH 13 118 118 HOH HOH B . 
D 3 HOH 14 121 121 HOH HOH B . 
D 3 HOH 15 122 122 HOH HOH B . 
D 3 HOH 16 123 123 HOH HOH B . 
D 3 HOH 17 124 124 HOH HOH B . 
D 3 HOH 18 129 129 HOH HOH B . 
D 3 HOH 19 131 131 HOH HOH B . 
D 3 HOH 20 132 132 HOH HOH B . 
D 3 HOH 21 134 134 HOH HOH B . 
D 3 HOH 22 135 135 HOH HOH B . 
D 3 HOH 23 136 136 HOH HOH B . 
D 3 HOH 24 137 137 HOH HOH B . 
D 3 HOH 25 138 138 HOH HOH B . 
D 3 HOH 26 140 140 HOH HOH B . 
D 3 HOH 27 142 142 HOH HOH B . 
D 3 HOH 28 143 143 HOH HOH B . 
D 3 HOH 29 148 148 HOH HOH B . 
D 3 HOH 30 153 153 HOH HOH B . 
D 3 HOH 31 155 155 HOH HOH B . 
D 3 HOH 32 156 156 HOH HOH B . 
# 
loop_
_pdbx_unobs_or_zero_occ_atoms.id 
_pdbx_unobs_or_zero_occ_atoms.PDB_model_num 
_pdbx_unobs_or_zero_occ_atoms.polymer_flag 
_pdbx_unobs_or_zero_occ_atoms.occupancy_flag 
_pdbx_unobs_or_zero_occ_atoms.auth_asym_id 
_pdbx_unobs_or_zero_occ_atoms.auth_comp_id 
_pdbx_unobs_or_zero_occ_atoms.auth_seq_id 
_pdbx_unobs_or_zero_occ_atoms.PDB_ins_code 
_pdbx_unobs_or_zero_occ_atoms.auth_atom_id 
_pdbx_unobs_or_zero_occ_atoms.label_alt_id 
_pdbx_unobs_or_zero_occ_atoms.label_asym_id 
_pdbx_unobs_or_zero_occ_atoms.label_comp_id 
_pdbx_unobs_or_zero_occ_atoms.label_seq_id 
_pdbx_unobs_or_zero_occ_atoms.label_atom_id 
1  1 Y 1 A DT 1 ? "O5'" ? A DT 1 "O5'" 
2  1 Y 1 A DT 1 ? "C5'" ? A DT 1 "C5'" 
3  1 Y 1 A DT 1 ? "C4'" ? A DT 1 "C4'" 
4  1 Y 1 A DT 1 ? "O4'" ? A DT 1 "O4'" 
5  1 Y 1 A DT 1 ? "C3'" ? A DT 1 "C3'" 
6  1 Y 1 A DT 1 ? "C2'" ? A DT 1 "C2'" 
7  1 Y 1 A DT 1 ? "C1'" ? A DT 1 "C1'" 
8  1 Y 1 A DT 1 ? N1    ? A DT 1 N1    
9  1 Y 1 A DT 1 ? C2    ? A DT 1 C2    
10 1 Y 1 A DT 1 ? O2    ? A DT 1 O2    
11 1 Y 1 A DT 1 ? N3    ? A DT 1 N3    
12 1 Y 1 A DT 1 ? C4    ? A DT 1 C4    
13 1 Y 1 A DT 1 ? O4    ? A DT 1 O4    
14 1 Y 1 A DT 1 ? C5    ? A DT 1 C5    
15 1 Y 1 A DT 1 ? C7    ? A DT 1 C7    
16 1 Y 1 A DT 1 ? C6    ? A DT 1 C6    
# 
loop_
_software.name 
_software.classification 
_software.version 
_software.citation_id 
_software.pdbx_ordinal 
X-PLOR    refinement       3.851 ? 1 
DENZO     'data reduction' .     ? 2 
SCALEPACK 'data scaling'   .     ? 3 
# 
_cell.entry_id           421D 
_cell.length_a           48.080 
_cell.length_b           48.080 
_cell.length_c           42.880 
_cell.angle_alpha        90.00 
_cell.angle_beta         90.00 
_cell.angle_gamma        120.00 
_cell.Z_PDB              6 
_cell.pdbx_unique_axis   ? 
_cell.length_a_esd       ? 
_cell.length_b_esd       ? 
_cell.length_c_esd       ? 
_cell.angle_alpha_esd    ? 
_cell.angle_beta_esd     ? 
_cell.angle_gamma_esd    ? 
# 
_symmetry.entry_id                         421D 
_symmetry.space_group_name_H-M             'P 61' 
_symmetry.pdbx_full_space_group_name_H-M   ? 
_symmetry.cell_setting                     ? 
_symmetry.Int_Tables_number                169 
_symmetry.space_group_name_Hall            ? 
# 
_exptl.entry_id          421D 
_exptl.method            'X-RAY DIFFRACTION' 
_exptl.crystals_number   1 
# 
_exptl_crystal.id                    1 
_exptl_crystal.density_meas          ? 
_exptl_crystal.density_percent_sol   51.06 
_exptl_crystal.density_Matthews      2.51 
_exptl_crystal.description           ? 
_exptl_crystal.F_000                 ? 
_exptl_crystal.preparation           ? 
# 
_exptl_crystal_grow.crystal_id      1 
_exptl_crystal_grow.method          ? 
_exptl_crystal_grow.temp            ? 
_exptl_crystal_grow.temp_details    ? 
_exptl_crystal_grow.pH              7.00 
_exptl_crystal_grow.pdbx_details    'pH 7.00' 
_exptl_crystal_grow.pdbx_pH_range   ? 
# 
_diffrn.id                     1 
_diffrn.ambient_temp           263.0 
_diffrn.ambient_temp_details   ? 
_diffrn.crystal_id             1 
# 
_diffrn_detector.diffrn_id              1 
_diffrn_detector.detector               'IMAGE PLATE' 
_diffrn_detector.type                   'RIGAKU RAXIS IIC' 
_diffrn_detector.pdbx_collection_date   1997-02-15 
_diffrn_detector.details                ? 
# 
_diffrn_radiation.diffrn_id                        1 
_diffrn_radiation.wavelength_id                    1 
_diffrn_radiation.pdbx_monochromatic_or_laue_m_l   M 
_diffrn_radiation.monochromator                    GRAPHITE 
_diffrn_radiation.pdbx_diffrn_protocol             'SINGLE WAVELENGTH' 
_diffrn_radiation.pdbx_scattering_type             x-ray 
# 
_diffrn_radiation_wavelength.id           1 
_diffrn_radiation_wavelength.wavelength   1.5418 
_diffrn_radiation_wavelength.wt           1.0 
# 
_diffrn_source.diffrn_id                   1 
_diffrn_source.source                      'ROTATING ANODE' 
_diffrn_source.type                        RIGAKU 
_diffrn_source.pdbx_synchrotron_site       ? 
_diffrn_source.pdbx_synchrotron_beamline   ? 
_diffrn_source.pdbx_wavelength             1.5418 
_diffrn_source.pdbx_wavelength_list        ? 
# 
_reflns.entry_id                     421D 
_reflns.observed_criterion_sigma_I   1.000 
_reflns.observed_criterion_sigma_F   ? 
_reflns.d_resolution_low             24.040 
_reflns.d_resolution_high            1.800 
_reflns.number_obs                   4948 
_reflns.number_all                   ? 
_reflns.percent_possible_obs         89.3 
_reflns.pdbx_Rmerge_I_obs            0.069 
_reflns.pdbx_Rsym_value              ? 
_reflns.pdbx_netI_over_sigmaI        ? 
_reflns.B_iso_Wilson_estimate        ? 
_reflns.pdbx_redundancy              3.460 
_reflns.R_free_details               ? 
_reflns.pdbx_chi_squared             ? 
_reflns.pdbx_scaling_rejects         ? 
_reflns.pdbx_diffrn_id               1 
_reflns.pdbx_ordinal                 1 
# 
_reflns_shell.d_res_high             1.80 
_reflns_shell.d_res_low              1.86 
_reflns_shell.percent_possible_all   77.2 
_reflns_shell.Rmerge_I_obs           0.355 
_reflns_shell.pdbx_Rsym_value        ? 
_reflns_shell.meanI_over_sigI_obs    ? 
_reflns_shell.pdbx_redundancy        ? 
_reflns_shell.percent_possible_obs   ? 
_reflns_shell.number_unique_all      ? 
_reflns_shell.number_measured_all    ? 
_reflns_shell.number_measured_obs    ? 
_reflns_shell.number_unique_obs      ? 
_reflns_shell.pdbx_chi_squared       ? 
_reflns_shell.pdbx_diffrn_id         ? 
_reflns_shell.pdbx_ordinal           1 
# 
_refine.entry_id                                 421D 
_refine.ls_number_reflns_obs                     4687 
_refine.ls_number_reflns_all                     ? 
_refine.pdbx_ls_sigma_I                          ? 
_refine.pdbx_ls_sigma_F                          2.000 
_refine.pdbx_data_cutoff_high_absF               ? 
_refine.pdbx_data_cutoff_low_absF                ? 
_refine.pdbx_data_cutoff_high_rms_absF           ? 
_refine.ls_d_res_low                             10.00 
_refine.ls_d_res_high                            1.80 
_refine.ls_percent_reflns_obs                    88.9 
_refine.ls_R_factor_obs                          0.201 
_refine.ls_R_factor_all                          ? 
_refine.ls_R_factor_R_work                       0.201 
_refine.ls_R_factor_R_free                       0.237 
_refine.ls_R_factor_R_free_error                 ? 
_refine.ls_R_factor_R_free_error_details         ? 
_refine.ls_percent_reflns_R_free                 5.000 
_refine.ls_number_reflns_R_free                  245 
_refine.ls_number_parameters                     ? 
_refine.ls_number_restraints                     ? 
_refine.occupancy_min                            ? 
_refine.occupancy_max                            ? 
_refine.B_iso_mean                               ? 
_refine.aniso_B[1][1]                            ? 
_refine.aniso_B[2][2]                            ? 
_refine.aniso_B[3][3]                            ? 
_refine.aniso_B[1][2]                            ? 
_refine.aniso_B[1][3]                            ? 
_refine.aniso_B[2][3]                            ? 
_refine.solvent_model_details                    ? 
_refine.solvent_model_param_ksol                 ? 
_refine.solvent_model_param_bsol                 ? 
_refine.pdbx_ls_cross_valid_method               THROUGHOUT 
_refine.details                                  ? 
_refine.pdbx_starting_model                      ? 
_refine.pdbx_method_to_determine_struct          ? 
_refine.pdbx_isotropic_thermal_model             ? 
_refine.pdbx_stereochemistry_target_values       ? 
_refine.pdbx_stereochem_target_val_spec_case     ? 
_refine.pdbx_R_Free_selection_details            RANDOM 
_refine.pdbx_overall_ESU_R                       ? 
_refine.pdbx_overall_ESU_R_Free                  ? 
_refine.overall_SU_ML                            ? 
_refine.overall_SU_B                             ? 
_refine.pdbx_refine_id                           'X-RAY DIFFRACTION' 
_refine.ls_redundancy_reflns_obs                 ? 
_refine.pdbx_overall_phase_error                 ? 
_refine.correlation_coeff_Fo_to_Fc               ? 
_refine.correlation_coeff_Fo_to_Fc_free          ? 
_refine.pdbx_solvent_vdw_probe_radii             ? 
_refine.pdbx_solvent_ion_probe_radii             ? 
_refine.pdbx_solvent_shrinkage_radii             ? 
_refine.overall_SU_R_Cruickshank_DPI             ? 
_refine.overall_SU_R_free                        ? 
_refine.ls_wR_factor_R_free                      ? 
_refine.ls_wR_factor_R_work                      ? 
_refine.overall_FOM_free_R_set                   ? 
_refine.overall_FOM_work_R_set                   ? 
_refine.pdbx_diffrn_id                           1 
_refine.pdbx_TLS_residual_ADP_flag               ? 
_refine.pdbx_overall_SU_R_free_Cruickshank_DPI   ? 
_refine.pdbx_overall_SU_R_Blow_DPI               ? 
_refine.pdbx_overall_SU_R_free_Blow_DPI          ? 
# 
_refine_analyze.entry_id                        421D 
_refine_analyze.Luzzati_coordinate_error_obs    0.27 
_refine_analyze.Luzzati_sigma_a_obs             ? 
_refine_analyze.Luzzati_d_res_low_obs           5.00 
_refine_analyze.Luzzati_coordinate_error_free   ? 
_refine_analyze.Luzzati_sigma_a_free            ? 
_refine_analyze.Luzzati_d_res_low_free          ? 
_refine_analyze.number_disordered_residues      ? 
_refine_analyze.occupancy_sum_hydrogen          ? 
_refine_analyze.occupancy_sum_non_hydrogen      ? 
_refine_analyze.pdbx_refine_id                  'X-RAY DIFFRACTION' 
# 
_refine_hist.pdbx_refine_id                   'X-RAY DIFFRACTION' 
_refine_hist.cycle_id                         LAST 
_refine_hist.pdbx_number_atoms_protein        0 
_refine_hist.pdbx_number_atoms_nucleic_acid   401 
_refine_hist.pdbx_number_atoms_ligand         0 
_refine_hist.number_atoms_solvent             168 
_refine_hist.number_atoms_total               569 
_refine_hist.d_res_high                       1.80 
_refine_hist.d_res_low                        10.00 
# 
loop_
_refine_ls_restr.type 
_refine_ls_restr.dev_ideal 
_refine_ls_restr.dev_ideal_target 
_refine_ls_restr.weight 
_refine_ls_restr.number 
_refine_ls_restr.pdbx_refine_id 
_refine_ls_restr.pdbx_restraint_function 
x_bond_d                0.008 ? ? ? 'X-RAY DIFFRACTION' ? 
x_bond_d_na             ?     ? ? ? 'X-RAY DIFFRACTION' ? 
x_bond_d_prot           ?     ? ? ? 'X-RAY DIFFRACTION' ? 
x_angle_d               ?     ? ? ? 'X-RAY DIFFRACTION' ? 
x_angle_d_na            ?     ? ? ? 'X-RAY DIFFRACTION' ? 
x_angle_d_prot          ?     ? ? ? 'X-RAY DIFFRACTION' ? 
x_angle_deg             1.34  ? ? ? 'X-RAY DIFFRACTION' ? 
x_angle_deg_na          ?     ? ? ? 'X-RAY DIFFRACTION' ? 
x_angle_deg_prot        ?     ? ? ? 'X-RAY DIFFRACTION' ? 
x_dihedral_angle_d      7.70  ? ? ? 'X-RAY DIFFRACTION' ? 
x_dihedral_angle_d_na   ?     ? ? ? 'X-RAY DIFFRACTION' ? 
x_dihedral_angle_d_prot ?     ? ? ? 'X-RAY DIFFRACTION' ? 
x_improper_angle_d      1.70  ? ? ? 'X-RAY DIFFRACTION' ? 
x_improper_angle_d_na   ?     ? ? ? 'X-RAY DIFFRACTION' ? 
x_improper_angle_d_prot ?     ? ? ? 'X-RAY DIFFRACTION' ? 
x_mcbond_it             ?     ? ? ? 'X-RAY DIFFRACTION' ? 
x_mcangle_it            ?     ? ? ? 'X-RAY DIFFRACTION' ? 
x_scbond_it             ?     ? ? ? 'X-RAY DIFFRACTION' ? 
x_scangle_it            ?     ? ? ? 'X-RAY DIFFRACTION' ? 
# 
_pdbx_xplor_file.serial_no        1 
_pdbx_xplor_file.param_file       DNA-RNA.PARAM 
_pdbx_xplor_file.topol_file       DNA-RNA.TOP 
_pdbx_xplor_file.pdbx_refine_id   'X-RAY DIFFRACTION' 
# 
_struct.entry_id                  421D 
_struct.title                     
;5'-D(*TP*TP*CP*TP*TP*(BRO)CP*TP*TP*C)-3', 5'-R(*GP*AP*AP*GP*AP*AP*GP*AP*A)-3'
;
_struct.pdbx_model_details        ? 
_struct.pdbx_CASP_flag            ? 
_struct.pdbx_model_type_details   ? 
# 
_struct_keywords.entry_id        421D 
_struct_keywords.pdbx_keywords   'DNA-RNA HYBRID' 
_struct_keywords.text            'DNA:RNA HYBRID DUPLEX, DNA-RNA COMPLEX, DNA-RNA HYBRID' 
# 
loop_
_struct_asym.id 
_struct_asym.pdbx_blank_PDB_chainid_flag 
_struct_asym.pdbx_modified 
_struct_asym.entity_id 
_struct_asym.details 
A N N 1 ? 
B N N 2 ? 
C N N 3 ? 
D N N 3 ? 
# 
loop_
_struct_ref.id 
_struct_ref.entity_id 
_struct_ref.db_name 
_struct_ref.db_code 
_struct_ref.pdbx_db_accession 
_struct_ref.pdbx_align_begin 
_struct_ref.pdbx_seq_one_letter_code 
_struct_ref.pdbx_db_isoform 
1 1 PDB 421D 421D ? ? ? 
2 2 PDB 421D 421D ? ? ? 
# 
loop_
_struct_ref_seq.align_id 
_struct_ref_seq.ref_id 
_struct_ref_seq.pdbx_PDB_id_code 
_struct_ref_seq.pdbx_strand_id 
_struct_ref_seq.seq_align_beg 
_struct_ref_seq.pdbx_seq_align_beg_ins_code 
_struct_ref_seq.seq_align_end 
_struct_ref_seq.pdbx_seq_align_end_ins_code 
_struct_ref_seq.pdbx_db_accession 
_struct_ref_seq.db_align_beg 
_struct_ref_seq.pdbx_db_align_beg_ins_code 
_struct_ref_seq.db_align_end 
_struct_ref_seq.pdbx_db_align_end_ins_code 
_struct_ref_seq.pdbx_auth_seq_align_beg 
_struct_ref_seq.pdbx_auth_seq_align_end 
1 1 421D A 1 ? 9 ? 421D 1  ? 9  ? 1  9  
2 2 421D B 1 ? 9 ? 421D 10 ? 18 ? 10 18 
# 
_pdbx_struct_assembly.id                   1 
_pdbx_struct_assembly.details              author_defined_assembly 
_pdbx_struct_assembly.method_details       ? 
_pdbx_struct_assembly.oligomeric_details   dimeric 
_pdbx_struct_assembly.oligomeric_count     2 
# 
_pdbx_struct_assembly_gen.assembly_id       1 
_pdbx_struct_assembly_gen.oper_expression   1 
_pdbx_struct_assembly_gen.asym_id_list      A,B,C,D 
# 
_pdbx_struct_oper_list.id                   1 
_pdbx_struct_oper_list.type                 'identity operation' 
_pdbx_struct_oper_list.name                 1_555 
_pdbx_struct_oper_list.symmetry_operation   x,y,z 
_pdbx_struct_oper_list.matrix[1][1]         1.0000000000 
_pdbx_struct_oper_list.matrix[1][2]         0.0000000000 
_pdbx_struct_oper_list.matrix[1][3]         0.0000000000 
_pdbx_struct_oper_list.vector[1]            0.0000000000 
_pdbx_struct_oper_list.matrix[2][1]         0.0000000000 
_pdbx_struct_oper_list.matrix[2][2]         1.0000000000 
_pdbx_struct_oper_list.matrix[2][3]         0.0000000000 
_pdbx_struct_oper_list.vector[2]            0.0000000000 
_pdbx_struct_oper_list.matrix[3][1]         0.0000000000 
_pdbx_struct_oper_list.matrix[3][2]         0.0000000000 
_pdbx_struct_oper_list.matrix[3][3]         1.0000000000 
_pdbx_struct_oper_list.vector[3]            0.0000000000 
# 
_struct_biol.id        1 
_struct_biol.details   ? 
# 
loop_
_struct_conn.id 
_struct_conn.conn_type_id 
_struct_conn.pdbx_leaving_atom_flag 
_struct_conn.pdbx_PDB_id 
_struct_conn.ptnr1_label_asym_id 
_struct_conn.ptnr1_label_comp_id 
_struct_conn.ptnr1_label_seq_id 
_struct_conn.ptnr1_label_atom_id 
_struct_conn.pdbx_ptnr1_label_alt_id 
_struct_conn.pdbx_ptnr1_PDB_ins_code 
_struct_conn.pdbx_ptnr1_standard_comp_id 
_struct_conn.ptnr1_symmetry 
_struct_conn.ptnr2_label_asym_id 
_struct_conn.ptnr2_label_comp_id 
_struct_conn.ptnr2_label_seq_id 
_struct_conn.ptnr2_label_atom_id 
_struct_conn.pdbx_ptnr2_label_alt_id 
_struct_conn.pdbx_ptnr2_PDB_ins_code 
_struct_conn.ptnr1_auth_asym_id 
_struct_conn.ptnr1_auth_comp_id 
_struct_conn.ptnr1_auth_seq_id 
_struct_conn.ptnr2_auth_asym_id 
_struct_conn.ptnr2_auth_comp_id 
_struct_conn.ptnr2_auth_seq_id 
_struct_conn.ptnr2_symmetry 
_struct_conn.pdbx_ptnr3_label_atom_id 
_struct_conn.pdbx_ptnr3_label_seq_id 
_struct_conn.pdbx_ptnr3_label_comp_id 
_struct_conn.pdbx_ptnr3_label_asym_id 
_struct_conn.pdbx_ptnr3_label_alt_id 
_struct_conn.pdbx_ptnr3_PDB_ins_code 
_struct_conn.details 
_struct_conn.pdbx_dist_value 
_struct_conn.pdbx_value_order 
_struct_conn.pdbx_role 
covale1  covale both ? A DT  5 "O3'" ? ? ? 1_555 A CBR 6 P  ? ? A DT  5 A CBR 6  1_555 ? ? ? ? ? ? ?            1.587 ? ? 
covale2  covale both ? A CBR 6 "O3'" ? ? ? 1_555 A DT  7 P  ? ? A CBR 6 A DT  7  1_555 ? ? ? ? ? ? ?            1.592 ? ? 
hydrog1  hydrog ?    ? A DT  2 N3    ? ? ? 1_555 B A   8 N1 ? ? A DT  2 B A   17 1_555 ? ? ? ? ? ? WATSON-CRICK ?     ? ? 
hydrog2  hydrog ?    ? A DT  2 O4    ? ? ? 1_555 B A   8 N6 ? ? A DT  2 B A   17 1_555 ? ? ? ? ? ? WATSON-CRICK ?     ? ? 
hydrog3  hydrog ?    ? A DC  3 N3    ? ? ? 1_555 B G   7 N1 ? ? A DC  3 B G   16 1_555 ? ? ? ? ? ? WATSON-CRICK ?     ? ? 
hydrog4  hydrog ?    ? A DC  3 N4    ? ? ? 1_555 B G   7 O6 ? ? A DC  3 B G   16 1_555 ? ? ? ? ? ? WATSON-CRICK ?     ? ? 
hydrog5  hydrog ?    ? A DC  3 O2    ? ? ? 1_555 B G   7 N2 ? ? A DC  3 B G   16 1_555 ? ? ? ? ? ? WATSON-CRICK ?     ? ? 
hydrog6  hydrog ?    ? A DT  4 N3    ? ? ? 1_555 B A   6 N1 ? ? A DT  4 B A   15 1_555 ? ? ? ? ? ? WATSON-CRICK ?     ? ? 
hydrog7  hydrog ?    ? A DT  4 O4    ? ? ? 1_555 B A   6 N6 ? ? A DT  4 B A   15 1_555 ? ? ? ? ? ? WATSON-CRICK ?     ? ? 
hydrog8  hydrog ?    ? A DT  5 N3    ? ? ? 1_555 B A   5 N1 ? ? A DT  5 B A   14 1_555 ? ? ? ? ? ? WATSON-CRICK ?     ? ? 
hydrog9  hydrog ?    ? A DT  5 O4    ? ? ? 1_555 B A   5 N6 ? ? A DT  5 B A   14 1_555 ? ? ? ? ? ? WATSON-CRICK ?     ? ? 
hydrog10 hydrog ?    ? A CBR 6 N3    ? ? ? 1_555 B G   4 N1 ? ? A CBR 6 B G   13 1_555 ? ? ? ? ? ? WATSON-CRICK ?     ? ? 
hydrog11 hydrog ?    ? A CBR 6 N4    ? ? ? 1_555 B G   4 O6 ? ? A CBR 6 B G   13 1_555 ? ? ? ? ? ? WATSON-CRICK ?     ? ? 
hydrog12 hydrog ?    ? A CBR 6 O2    ? ? ? 1_555 B G   4 N2 ? ? A CBR 6 B G   13 1_555 ? ? ? ? ? ? WATSON-CRICK ?     ? ? 
hydrog13 hydrog ?    ? A DT  7 N3    ? ? ? 1_555 B A   3 N1 ? ? A DT  7 B A   12 1_555 ? ? ? ? ? ? WATSON-CRICK ?     ? ? 
hydrog14 hydrog ?    ? A DT  7 O4    ? ? ? 1_555 B A   3 N6 ? ? A DT  7 B A   12 1_555 ? ? ? ? ? ? WATSON-CRICK ?     ? ? 
hydrog15 hydrog ?    ? A DT  8 N3    ? ? ? 1_555 B A   2 N1 ? ? A DT  8 B A   11 1_555 ? ? ? ? ? ? WATSON-CRICK ?     ? ? 
hydrog16 hydrog ?    ? A DT  8 O4    ? ? ? 1_555 B A   2 N6 ? ? A DT  8 B A   11 1_555 ? ? ? ? ? ? WATSON-CRICK ?     ? ? 
hydrog17 hydrog ?    ? A DC  9 N3    ? ? ? 1_555 B G   1 N1 ? ? A DC  9 B G   10 1_555 ? ? ? ? ? ? WATSON-CRICK ?     ? ? 
hydrog18 hydrog ?    ? A DC  9 N4    ? ? ? 1_555 B G   1 O6 ? ? A DC  9 B G   10 1_555 ? ? ? ? ? ? WATSON-CRICK ?     ? ? 
hydrog19 hydrog ?    ? A DC  9 O2    ? ? ? 1_555 B G   1 N2 ? ? A DC  9 B G   10 1_555 ? ? ? ? ? ? WATSON-CRICK ?     ? ? 
# 
loop_
_struct_conn_type.id 
_struct_conn_type.criteria 
_struct_conn_type.reference 
covale ? ? 
hydrog ? ? 
# 
_pdbx_validate_symm_contact.id                1 
_pdbx_validate_symm_contact.PDB_model_num     1 
_pdbx_validate_symm_contact.auth_atom_id_1    H2 
_pdbx_validate_symm_contact.auth_asym_id_1    A 
_pdbx_validate_symm_contact.auth_comp_id_1    HOH 
_pdbx_validate_symm_contact.auth_seq_id_1     102 
_pdbx_validate_symm_contact.PDB_ins_code_1    ? 
_pdbx_validate_symm_contact.label_alt_id_1    ? 
_pdbx_validate_symm_contact.site_symmetry_1   1_555 
_pdbx_validate_symm_contact.auth_atom_id_2    O 
_pdbx_validate_symm_contact.auth_asym_id_2    B 
_pdbx_validate_symm_contact.auth_comp_id_2    HOH 
_pdbx_validate_symm_contact.auth_seq_id_2     115 
_pdbx_validate_symm_contact.PDB_ins_code_2    ? 
_pdbx_validate_symm_contact.label_alt_id_2    ? 
_pdbx_validate_symm_contact.site_symmetry_2   4_654 
_pdbx_validate_symm_contact.dist              1.59 
# 
_pdbx_validate_rmsd_bond.id                        1 
_pdbx_validate_rmsd_bond.PDB_model_num             1 
_pdbx_validate_rmsd_bond.auth_atom_id_1            "O3'" 
_pdbx_validate_rmsd_bond.auth_asym_id_1            A 
_pdbx_validate_rmsd_bond.auth_comp_id_1            DT 
_pdbx_validate_rmsd_bond.auth_seq_id_1             1 
_pdbx_validate_rmsd_bond.PDB_ins_code_1            ? 
_pdbx_validate_rmsd_bond.label_alt_id_1            ? 
_pdbx_validate_rmsd_bond.auth_atom_id_2            P 
_pdbx_validate_rmsd_bond.auth_asym_id_2            A 
_pdbx_validate_rmsd_bond.auth_comp_id_2            DT 
_pdbx_validate_rmsd_bond.auth_seq_id_2             2 
_pdbx_validate_rmsd_bond.PDB_ins_code_2            ? 
_pdbx_validate_rmsd_bond.label_alt_id_2            ? 
_pdbx_validate_rmsd_bond.bond_value                1.526 
_pdbx_validate_rmsd_bond.bond_target_value         1.607 
_pdbx_validate_rmsd_bond.bond_deviation            -0.081 
_pdbx_validate_rmsd_bond.bond_standard_deviation   0.012 
_pdbx_validate_rmsd_bond.linker_flag               Y 
# 
_pdbx_struct_mod_residue.id               1 
_pdbx_struct_mod_residue.label_asym_id    A 
_pdbx_struct_mod_residue.label_comp_id    CBR 
_pdbx_struct_mod_residue.label_seq_id     6 
_pdbx_struct_mod_residue.auth_asym_id     A 
_pdbx_struct_mod_residue.auth_comp_id     CBR 
_pdbx_struct_mod_residue.auth_seq_id      6 
_pdbx_struct_mod_residue.PDB_ins_code     ? 
_pdbx_struct_mod_residue.parent_comp_id   DC 
_pdbx_struct_mod_residue.details          ? 
# 
loop_
_chem_comp_atom.comp_id 
_chem_comp_atom.atom_id 
_chem_comp_atom.type_symbol 
_chem_comp_atom.pdbx_aromatic_flag 
_chem_comp_atom.pdbx_stereo_config 
_chem_comp_atom.pdbx_ordinal 
A   OP3    O  N N 1   
A   P      P  N N 2   
A   OP1    O  N N 3   
A   OP2    O  N N 4   
A   "O5'"  O  N N 5   
A   "C5'"  C  N N 6   
A   "C4'"  C  N R 7   
A   "O4'"  O  N N 8   
A   "C3'"  C  N S 9   
A   "O3'"  O  N N 10  
A   "C2'"  C  N R 11  
A   "O2'"  O  N N 12  
A   "C1'"  C  N R 13  
A   N9     N  Y N 14  
A   C8     C  Y N 15  
A   N7     N  Y N 16  
A   C5     C  Y N 17  
A   C6     C  Y N 18  
A   N6     N  N N 19  
A   N1     N  Y N 20  
A   C2     C  Y N 21  
A   N3     N  Y N 22  
A   C4     C  Y N 23  
A   HOP3   H  N N 24  
A   HOP2   H  N N 25  
A   "H5'"  H  N N 26  
A   "H5''" H  N N 27  
A   "H4'"  H  N N 28  
A   "H3'"  H  N N 29  
A   "HO3'" H  N N 30  
A   "H2'"  H  N N 31  
A   "HO2'" H  N N 32  
A   "H1'"  H  N N 33  
A   H8     H  N N 34  
A   H61    H  N N 35  
A   H62    H  N N 36  
A   H2     H  N N 37  
CBR BR     BR N N 38  
CBR P      P  N N 39  
CBR OP1    O  N N 40  
CBR OP2    O  N N 41  
CBR "O5'"  O  N N 42  
CBR N1     N  N N 43  
CBR C6     C  N N 44  
CBR C2     C  N N 45  
CBR O2     O  N N 46  
CBR N3     N  N N 47  
CBR C4     C  N N 48  
CBR N4     N  N N 49  
CBR C5     C  N N 50  
CBR "C2'"  C  N N 51  
CBR "C5'"  C  N N 52  
CBR "C4'"  C  N R 53  
CBR "O4'"  O  N N 54  
CBR "C1'"  C  N R 55  
CBR "C3'"  C  N S 56  
CBR "O3'"  O  N N 57  
CBR OP3    O  N N 58  
CBR HOP2   H  N N 59  
CBR H6     H  N N 60  
CBR H41    H  N N 61  
CBR H42    H  N N 62  
CBR "H2'"  H  N N 63  
CBR "H2''" H  N N 64  
CBR "H5'"  H  N N 65  
CBR "H5''" H  N N 66  
CBR "H4'"  H  N N 67  
CBR "H1'"  H  N N 68  
CBR "H3'"  H  N N 69  
CBR "HO3'" H  N N 70  
CBR HOP3   H  N N 71  
DC  OP3    O  N N 72  
DC  P      P  N N 73  
DC  OP1    O  N N 74  
DC  OP2    O  N N 75  
DC  "O5'"  O  N N 76  
DC  "C5'"  C  N N 77  
DC  "C4'"  C  N R 78  
DC  "O4'"  O  N N 79  
DC  "C3'"  C  N S 80  
DC  "O3'"  O  N N 81  
DC  "C2'"  C  N N 82  
DC  "C1'"  C  N R 83  
DC  N1     N  N N 84  
DC  C2     C  N N 85  
DC  O2     O  N N 86  
DC  N3     N  N N 87  
DC  C4     C  N N 88  
DC  N4     N  N N 89  
DC  C5     C  N N 90  
DC  C6     C  N N 91  
DC  HOP3   H  N N 92  
DC  HOP2   H  N N 93  
DC  "H5'"  H  N N 94  
DC  "H5''" H  N N 95  
DC  "H4'"  H  N N 96  
DC  "H3'"  H  N N 97  
DC  "HO3'" H  N N 98  
DC  "H2'"  H  N N 99  
DC  "H2''" H  N N 100 
DC  "H1'"  H  N N 101 
DC  H41    H  N N 102 
DC  H42    H  N N 103 
DC  H5     H  N N 104 
DC  H6     H  N N 105 
DT  OP3    O  N N 106 
DT  P      P  N N 107 
DT  OP1    O  N N 108 
DT  OP2    O  N N 109 
DT  "O5'"  O  N N 110 
DT  "C5'"  C  N N 111 
DT  "C4'"  C  N R 112 
DT  "O4'"  O  N N 113 
DT  "C3'"  C  N S 114 
DT  "O3'"  O  N N 115 
DT  "C2'"  C  N N 116 
DT  "C1'"  C  N R 117 
DT  N1     N  N N 118 
DT  C2     C  N N 119 
DT  O2     O  N N 120 
DT  N3     N  N N 121 
DT  C4     C  N N 122 
DT  O4     O  N N 123 
DT  C5     C  N N 124 
DT  C7     C  N N 125 
DT  C6     C  N N 126 
DT  HOP3   H  N N 127 
DT  HOP2   H  N N 128 
DT  "H5'"  H  N N 129 
DT  "H5''" H  N N 130 
DT  "H4'"  H  N N 131 
DT  "H3'"  H  N N 132 
DT  "HO3'" H  N N 133 
DT  "H2'"  H  N N 134 
DT  "H2''" H  N N 135 
DT  "H1'"  H  N N 136 
DT  H3     H  N N 137 
DT  H71    H  N N 138 
DT  H72    H  N N 139 
DT  H73    H  N N 140 
DT  H6     H  N N 141 
G   OP3    O  N N 142 
G   P      P  N N 143 
G   OP1    O  N N 144 
G   OP2    O  N N 145 
G   "O5'"  O  N N 146 
G   "C5'"  C  N N 147 
G   "C4'"  C  N R 148 
G   "O4'"  O  N N 149 
G   "C3'"  C  N S 150 
G   "O3'"  O  N N 151 
G   "C2'"  C  N R 152 
G   "O2'"  O  N N 153 
G   "C1'"  C  N R 154 
G   N9     N  Y N 155 
G   C8     C  Y N 156 
G   N7     N  Y N 157 
G   C5     C  Y N 158 
G   C6     C  N N 159 
G   O6     O  N N 160 
G   N1     N  N N 161 
G   C2     C  N N 162 
G   N2     N  N N 163 
G   N3     N  N N 164 
G   C4     C  Y N 165 
G   HOP3   H  N N 166 
G   HOP2   H  N N 167 
G   "H5'"  H  N N 168 
G   "H5''" H  N N 169 
G   "H4'"  H  N N 170 
G   "H3'"  H  N N 171 
G   "HO3'" H  N N 172 
G   "H2'"  H  N N 173 
G   "HO2'" H  N N 174 
G   "H1'"  H  N N 175 
G   H8     H  N N 176 
G   H1     H  N N 177 
G   H21    H  N N 178 
G   H22    H  N N 179 
HOH O      O  N N 180 
HOH H1     H  N N 181 
HOH H2     H  N N 182 
# 
loop_
_chem_comp_bond.comp_id 
_chem_comp_bond.atom_id_1 
_chem_comp_bond.atom_id_2 
_chem_comp_bond.value_order 
_chem_comp_bond.pdbx_aromatic_flag 
_chem_comp_bond.pdbx_stereo_config 
_chem_comp_bond.pdbx_ordinal 
A   OP3   P      sing N N 1   
A   OP3   HOP3   sing N N 2   
A   P     OP1    doub N N 3   
A   P     OP2    sing N N 4   
A   P     "O5'"  sing N N 5   
A   OP2   HOP2   sing N N 6   
A   "O5'" "C5'"  sing N N 7   
A   "C5'" "C4'"  sing N N 8   
A   "C5'" "H5'"  sing N N 9   
A   "C5'" "H5''" sing N N 10  
A   "C4'" "O4'"  sing N N 11  
A   "C4'" "C3'"  sing N N 12  
A   "C4'" "H4'"  sing N N 13  
A   "O4'" "C1'"  sing N N 14  
A   "C3'" "O3'"  sing N N 15  
A   "C3'" "C2'"  sing N N 16  
A   "C3'" "H3'"  sing N N 17  
A   "O3'" "HO3'" sing N N 18  
A   "C2'" "O2'"  sing N N 19  
A   "C2'" "C1'"  sing N N 20  
A   "C2'" "H2'"  sing N N 21  
A   "O2'" "HO2'" sing N N 22  
A   "C1'" N9     sing N N 23  
A   "C1'" "H1'"  sing N N 24  
A   N9    C8     sing Y N 25  
A   N9    C4     sing Y N 26  
A   C8    N7     doub Y N 27  
A   C8    H8     sing N N 28  
A   N7    C5     sing Y N 29  
A   C5    C6     sing Y N 30  
A   C5    C4     doub Y N 31  
A   C6    N6     sing N N 32  
A   C6    N1     doub Y N 33  
A   N6    H61    sing N N 34  
A   N6    H62    sing N N 35  
A   N1    C2     sing Y N 36  
A   C2    N3     doub Y N 37  
A   C2    H2     sing N N 38  
A   N3    C4     sing Y N 39  
CBR BR    C5     sing N N 40  
CBR P     OP1    doub N N 41  
CBR P     OP2    sing N N 42  
CBR P     "O5'"  sing N N 43  
CBR P     OP3    sing N N 44  
CBR OP2   HOP2   sing N N 45  
CBR "O5'" "C5'"  sing N N 46  
CBR N1    C6     sing N N 47  
CBR N1    C2     sing N N 48  
CBR N1    "C1'"  sing N N 49  
CBR C6    C5     doub N N 50  
CBR C6    H6     sing N N 51  
CBR C2    O2     doub N N 52  
CBR C2    N3     sing N N 53  
CBR N3    C4     doub N N 54  
CBR C4    N4     sing N N 55  
CBR C4    C5     sing N N 56  
CBR N4    H41    sing N N 57  
CBR N4    H42    sing N N 58  
CBR "C2'" "C1'"  sing N N 59  
CBR "C2'" "C3'"  sing N N 60  
CBR "C2'" "H2'"  sing N N 61  
CBR "C2'" "H2''" sing N N 62  
CBR "C5'" "C4'"  sing N N 63  
CBR "C5'" "H5'"  sing N N 64  
CBR "C5'" "H5''" sing N N 65  
CBR "C4'" "O4'"  sing N N 66  
CBR "C4'" "C3'"  sing N N 67  
CBR "C4'" "H4'"  sing N N 68  
CBR "O4'" "C1'"  sing N N 69  
CBR "C1'" "H1'"  sing N N 70  
CBR "C3'" "O3'"  sing N N 71  
CBR "C3'" "H3'"  sing N N 72  
CBR "O3'" "HO3'" sing N N 73  
CBR OP3   HOP3   sing N N 74  
DC  OP3   P      sing N N 75  
DC  OP3   HOP3   sing N N 76  
DC  P     OP1    doub N N 77  
DC  P     OP2    sing N N 78  
DC  P     "O5'"  sing N N 79  
DC  OP2   HOP2   sing N N 80  
DC  "O5'" "C5'"  sing N N 81  
DC  "C5'" "C4'"  sing N N 82  
DC  "C5'" "H5'"  sing N N 83  
DC  "C5'" "H5''" sing N N 84  
DC  "C4'" "O4'"  sing N N 85  
DC  "C4'" "C3'"  sing N N 86  
DC  "C4'" "H4'"  sing N N 87  
DC  "O4'" "C1'"  sing N N 88  
DC  "C3'" "O3'"  sing N N 89  
DC  "C3'" "C2'"  sing N N 90  
DC  "C3'" "H3'"  sing N N 91  
DC  "O3'" "HO3'" sing N N 92  
DC  "C2'" "C1'"  sing N N 93  
DC  "C2'" "H2'"  sing N N 94  
DC  "C2'" "H2''" sing N N 95  
DC  "C1'" N1     sing N N 96  
DC  "C1'" "H1'"  sing N N 97  
DC  N1    C2     sing N N 98  
DC  N1    C6     sing N N 99  
DC  C2    O2     doub N N 100 
DC  C2    N3     sing N N 101 
DC  N3    C4     doub N N 102 
DC  C4    N4     sing N N 103 
DC  C4    C5     sing N N 104 
DC  N4    H41    sing N N 105 
DC  N4    H42    sing N N 106 
DC  C5    C6     doub N N 107 
DC  C5    H5     sing N N 108 
DC  C6    H6     sing N N 109 
DT  OP3   P      sing N N 110 
DT  OP3   HOP3   sing N N 111 
DT  P     OP1    doub N N 112 
DT  P     OP2    sing N N 113 
DT  P     "O5'"  sing N N 114 
DT  OP2   HOP2   sing N N 115 
DT  "O5'" "C5'"  sing N N 116 
DT  "C5'" "C4'"  sing N N 117 
DT  "C5'" "H5'"  sing N N 118 
DT  "C5'" "H5''" sing N N 119 
DT  "C4'" "O4'"  sing N N 120 
DT  "C4'" "C3'"  sing N N 121 
DT  "C4'" "H4'"  sing N N 122 
DT  "O4'" "C1'"  sing N N 123 
DT  "C3'" "O3'"  sing N N 124 
DT  "C3'" "C2'"  sing N N 125 
DT  "C3'" "H3'"  sing N N 126 
DT  "O3'" "HO3'" sing N N 127 
DT  "C2'" "C1'"  sing N N 128 
DT  "C2'" "H2'"  sing N N 129 
DT  "C2'" "H2''" sing N N 130 
DT  "C1'" N1     sing N N 131 
DT  "C1'" "H1'"  sing N N 132 
DT  N1    C2     sing N N 133 
DT  N1    C6     sing N N 134 
DT  C2    O2     doub N N 135 
DT  C2    N3     sing N N 136 
DT  N3    C4     sing N N 137 
DT  N3    H3     sing N N 138 
DT  C4    O4     doub N N 139 
DT  C4    C5     sing N N 140 
DT  C5    C7     sing N N 141 
DT  C5    C6     doub N N 142 
DT  C7    H71    sing N N 143 
DT  C7    H72    sing N N 144 
DT  C7    H73    sing N N 145 
DT  C6    H6     sing N N 146 
G   OP3   P      sing N N 147 
G   OP3   HOP3   sing N N 148 
G   P     OP1    doub N N 149 
G   P     OP2    sing N N 150 
G   P     "O5'"  sing N N 151 
G   OP2   HOP2   sing N N 152 
G   "O5'" "C5'"  sing N N 153 
G   "C5'" "C4'"  sing N N 154 
G   "C5'" "H5'"  sing N N 155 
G   "C5'" "H5''" sing N N 156 
G   "C4'" "O4'"  sing N N 157 
G   "C4'" "C3'"  sing N N 158 
G   "C4'" "H4'"  sing N N 159 
G   "O4'" "C1'"  sing N N 160 
G   "C3'" "O3'"  sing N N 161 
G   "C3'" "C2'"  sing N N 162 
G   "C3'" "H3'"  sing N N 163 
G   "O3'" "HO3'" sing N N 164 
G   "C2'" "O2'"  sing N N 165 
G   "C2'" "C1'"  sing N N 166 
G   "C2'" "H2'"  sing N N 167 
G   "O2'" "HO2'" sing N N 168 
G   "C1'" N9     sing N N 169 
G   "C1'" "H1'"  sing N N 170 
G   N9    C8     sing Y N 171 
G   N9    C4     sing Y N 172 
G   C8    N7     doub Y N 173 
G   C8    H8     sing N N 174 
G   N7    C5     sing Y N 175 
G   C5    C6     sing N N 176 
G   C5    C4     doub Y N 177 
G   C6    O6     doub N N 178 
G   C6    N1     sing N N 179 
G   N1    C2     sing N N 180 
G   N1    H1     sing N N 181 
G   C2    N2     sing N N 182 
G   C2    N3     doub N N 183 
G   N2    H21    sing N N 184 
G   N2    H22    sing N N 185 
G   N3    C4     sing N N 186 
HOH O     H1     sing N N 187 
HOH O     H2     sing N N 188 
# 
_ndb_struct_conf_na.entry_id   421D 
_ndb_struct_conf_na.feature    'a-form double helix' 
# 
loop_
_ndb_struct_na_base_pair.model_number 
_ndb_struct_na_base_pair.i_label_asym_id 
_ndb_struct_na_base_pair.i_label_comp_id 
_ndb_struct_na_base_pair.i_label_seq_id 
_ndb_struct_na_base_pair.i_symmetry 
_ndb_struct_na_base_pair.j_label_asym_id 
_ndb_struct_na_base_pair.j_label_comp_id 
_ndb_struct_na_base_pair.j_label_seq_id 
_ndb_struct_na_base_pair.j_symmetry 
_ndb_struct_na_base_pair.shear 
_ndb_struct_na_base_pair.stretch 
_ndb_struct_na_base_pair.stagger 
_ndb_struct_na_base_pair.buckle 
_ndb_struct_na_base_pair.propeller 
_ndb_struct_na_base_pair.opening 
_ndb_struct_na_base_pair.pair_number 
_ndb_struct_na_base_pair.pair_name 
_ndb_struct_na_base_pair.i_auth_asym_id 
_ndb_struct_na_base_pair.i_auth_seq_id 
_ndb_struct_na_base_pair.i_PDB_ins_code 
_ndb_struct_na_base_pair.j_auth_asym_id 
_ndb_struct_na_base_pair.j_auth_seq_id 
_ndb_struct_na_base_pair.j_PDB_ins_code 
_ndb_struct_na_base_pair.hbond_type_28 
_ndb_struct_na_base_pair.hbond_type_12 
1 A DT  2 1_555 B A 8 1_555 -0.025 -0.299 0.439  -7.859 -8.303  6.347  1 A_DT2:A17_B  A 2 ? B 17 ? 20 1 
1 A DC  3 1_555 B G 7 1_555 0.433  -0.172 -0.050 1.330  -14.648 3.738  2 A_DC3:G16_B  A 3 ? B 16 ? 19 1 
1 A DT  4 1_555 B A 6 1_555 0.050  -0.377 -0.352 8.854  -14.565 -0.008 3 A_DT4:A15_B  A 4 ? B 15 ? 20 1 
1 A DT  5 1_555 B A 5 1_555 0.194  -0.323 0.061  8.120  -16.599 1.024  4 A_DT5:A14_B  A 5 ? B 14 ? 20 1 
1 A CBR 6 1_555 B G 4 1_555 0.165  -0.284 -0.150 7.168  -16.587 0.555  5 A_CBR6:G13_B A 6 ? B 13 ? 19 1 
1 A DT  7 1_555 B A 3 1_555 -0.078 -0.187 0.138  -0.542 -21.284 5.645  6 A_DT7:A12_B  A 7 ? B 12 ? 20 1 
1 A DT  8 1_555 B A 2 1_555 0.104  -0.225 -0.057 0.547  -13.890 2.230  7 A_DT8:A11_B  A 8 ? B 11 ? 20 1 
1 A DC  9 1_555 B G 1 1_555 0.650  -0.166 -0.092 6.784  -3.587  1.867  8 A_DC9:G10_B  A 9 ? B 10 ? 19 1 
# 
loop_
_ndb_struct_na_base_pair_step.model_number 
_ndb_struct_na_base_pair_step.i_label_asym_id_1 
_ndb_struct_na_base_pair_step.i_label_comp_id_1 
_ndb_struct_na_base_pair_step.i_label_seq_id_1 
_ndb_struct_na_base_pair_step.i_symmetry_1 
_ndb_struct_na_base_pair_step.j_label_asym_id_1 
_ndb_struct_na_base_pair_step.j_label_comp_id_1 
_ndb_struct_na_base_pair_step.j_label_seq_id_1 
_ndb_struct_na_base_pair_step.j_symmetry_1 
_ndb_struct_na_base_pair_step.i_label_asym_id_2 
_ndb_struct_na_base_pair_step.i_label_comp_id_2 
_ndb_struct_na_base_pair_step.i_label_seq_id_2 
_ndb_struct_na_base_pair_step.i_symmetry_2 
_ndb_struct_na_base_pair_step.j_label_asym_id_2 
_ndb_struct_na_base_pair_step.j_label_comp_id_2 
_ndb_struct_na_base_pair_step.j_label_seq_id_2 
_ndb_struct_na_base_pair_step.j_symmetry_2 
_ndb_struct_na_base_pair_step.shift 
_ndb_struct_na_base_pair_step.slide 
_ndb_struct_na_base_pair_step.rise 
_ndb_struct_na_base_pair_step.tilt 
_ndb_struct_na_base_pair_step.roll 
_ndb_struct_na_base_pair_step.twist 
_ndb_struct_na_base_pair_step.x_displacement 
_ndb_struct_na_base_pair_step.y_displacement 
_ndb_struct_na_base_pair_step.helical_rise 
_ndb_struct_na_base_pair_step.inclination 
_ndb_struct_na_base_pair_step.tip 
_ndb_struct_na_base_pair_step.helical_twist 
_ndb_struct_na_base_pair_step.step_number 
_ndb_struct_na_base_pair_step.step_name 
_ndb_struct_na_base_pair_step.i_auth_asym_id_1 
_ndb_struct_na_base_pair_step.i_auth_seq_id_1 
_ndb_struct_na_base_pair_step.i_PDB_ins_code_1 
_ndb_struct_na_base_pair_step.j_auth_asym_id_1 
_ndb_struct_na_base_pair_step.j_auth_seq_id_1 
_ndb_struct_na_base_pair_step.j_PDB_ins_code_1 
_ndb_struct_na_base_pair_step.i_auth_asym_id_2 
_ndb_struct_na_base_pair_step.i_auth_seq_id_2 
_ndb_struct_na_base_pair_step.i_PDB_ins_code_2 
_ndb_struct_na_base_pair_step.j_auth_asym_id_2 
_ndb_struct_na_base_pair_step.j_auth_seq_id_2 
_ndb_struct_na_base_pair_step.j_PDB_ins_code_2 
1 A DT  2 1_555 B A 8 1_555 A DC  3 1_555 B G 7 1_555 -0.825 -1.525 3.079 2.200  -3.781 30.675 -2.155 1.953  3.174 -7.102 -4.132 
30.978 1 AA_DT2DC3:G16A17_BB  A 2 ? B 17 ? A 3 ? B 16 ? 
1 A DC  3 1_555 B G 7 1_555 A DT  4 1_555 B A 6 1_555 -0.917 -1.470 3.129 -1.608 6.540  24.507 -5.055 1.664  2.705 15.048 3.699  
25.402 2 AA_DC3DT4:A15G16_BB  A 3 ? B 16 ? A 4 ? B 15 ? 
1 A DT  4 1_555 B A 6 1_555 A DT  5 1_555 B A 5 1_555 0.172  -0.955 3.360 -3.384 4.319  34.748 -2.230 -0.794 3.191 7.177  5.623  
35.165 3 AA_DT4DT5:A14A15_BB  A 4 ? B 15 ? A 5 ? B 14 ? 
1 A DT  5 1_555 B A 5 1_555 A CBR 6 1_555 B G 4 1_555 -0.199 -1.411 3.314 0.138  6.263  32.513 -3.505 0.371  2.997 11.057 -0.244 
33.095 4 AA_DT5CBR6:G13A14_BB A 5 ? B 14 ? A 6 ? B 13 ? 
1 A CBR 6 1_555 B G 4 1_555 A DT  7 1_555 B A 3 1_555 0.261  -1.210 3.423 1.176  10.153 31.884 -3.769 -0.261 2.919 17.915 -2.076 
33.442 5 AA_CBR6DT7:A12G13_BB A 6 ? B 13 ? A 7 ? B 12 ? 
1 A DT  7 1_555 B A 3 1_555 A DT  8 1_555 B A 2 1_555 -0.564 -0.972 3.265 -1.567 8.271  33.656 -2.862 0.714  2.973 14.015 2.654  
34.663 6 AA_DT7DT8:A11A12_BB  A 7 ? B 12 ? A 8 ? B 11 ? 
1 A DT  8 1_555 B A 2 1_555 A DC  9 1_555 B G 1 1_555 0.286  -0.679 3.218 0.464  6.634  32.798 -2.237 -0.423 3.030 11.600 -0.811 
33.448 7 AA_DT8DC9:G10A11_BB  A 8 ? B 11 ? A 9 ? B 10 ? 
# 
_atom_sites.entry_id                    421D 
_atom_sites.fract_transf_matrix[1][1]   0.00409138 
_atom_sites.fract_transf_matrix[1][2]   0.02280292 
_atom_sites.fract_transf_matrix[1][3]   -0.00633070 
_atom_sites.fract_transf_matrix[2][1]   -0.01511829 
_atom_sites.fract_transf_matrix[2][2]   0.01730065 
_atom_sites.fract_transf_matrix[2][3]   0.00699237 
_atom_sites.fract_transf_matrix[3][1]   0.01255772 
_atom_sites.fract_transf_matrix[3][2]   0.00313280 
_atom_sites.fract_transf_matrix[3][3]   0.01939996 
_atom_sites.fract_transf_vector[1]      0.475956 
_atom_sites.fract_transf_vector[2]      0.063939 
_atom_sites.fract_transf_vector[3]      0.012703 
# 
loop_
_atom_type.symbol 
BR 
C  
H  
N  
O  
P  
# 
loop_
_atom_site.group_PDB 
_atom_site.id 
_atom_site.type_symbol 
_atom_site.label_atom_id 
_atom_site.label_alt_id 
_atom_site.label_comp_id 
_atom_site.label_asym_id 
_atom_site.label_entity_id 
_atom_site.label_seq_id 
_atom_site.pdbx_PDB_ins_code 
_atom_site.Cartn_x 
_atom_site.Cartn_y 
_atom_site.Cartn_z 
_atom_site.occupancy 
_atom_site.B_iso_or_equiv 
_atom_site.pdbx_formal_charge 
_atom_site.auth_seq_id 
_atom_site.auth_comp_id 
_atom_site.auth_asym_id 
_atom_site.auth_atom_id 
_atom_site.pdbx_PDB_model_num 
ATOM   1   O  "O3'"  . DT  A 1 1 ? -5.855  7.257   -11.176 1.00 78.96 ? 1   DT  A "O3'"  1 
ATOM   2   P  P      . DT  A 1 2 ? -4.434  6.879   -10.770 1.00 76.52 ? 2   DT  A P      1 
ATOM   3   O  OP1    . DT  A 1 2 ? -4.146  7.226   -9.311  1.00 77.47 ? 2   DT  A OP1    1 
ATOM   4   O  OP2    . DT  A 1 2 ? -3.376  7.396   -11.748 1.00 76.16 ? 2   DT  A OP2    1 
ATOM   5   O  "O5'"  . DT  A 1 2 ? -4.350  5.248   -10.827 1.00 72.29 ? 2   DT  A "O5'"  1 
ATOM   6   C  "C5'"  . DT  A 1 2 ? -4.985  4.495   -11.886 1.00 60.98 ? 2   DT  A "C5'"  1 
ATOM   7   C  "C4'"  . DT  A 1 2 ? -4.512  3.060   -11.864 1.00 50.14 ? 2   DT  A "C4'"  1 
ATOM   8   O  "O4'"  . DT  A 1 2 ? -3.129  2.983   -12.254 1.00 46.34 ? 2   DT  A "O4'"  1 
ATOM   9   C  "C3'"  . DT  A 1 2 ? -4.553  2.391   -10.502 1.00 45.18 ? 2   DT  A "C3'"  1 
ATOM   10  O  "O3'"  . DT  A 1 2 ? -5.832  1.822   -10.274 1.00 44.23 ? 2   DT  A "O3'"  1 
ATOM   11  C  "C2'"  . DT  A 1 2 ? -3.536  1.287   -10.658 1.00 45.27 ? 2   DT  A "C2'"  1 
ATOM   12  C  "C1'"  . DT  A 1 2 ? -2.503  1.903   -11.577 1.00 43.06 ? 2   DT  A "C1'"  1 
ATOM   13  N  N1     . DT  A 1 2 ? -1.324  2.420   -10.875 1.00 41.16 ? 2   DT  A N1     1 
ATOM   14  C  C2     . DT  A 1 2 ? -0.386  1.507   -10.494 1.00 38.04 ? 2   DT  A C2     1 
ATOM   15  O  O2     . DT  A 1 2 ? -0.499  0.317   -10.721 1.00 39.68 ? 2   DT  A O2     1 
ATOM   16  N  N3     . DT  A 1 2 ? 0.697   2.037   -9.846  1.00 38.97 ? 2   DT  A N3     1 
ATOM   17  C  C4     . DT  A 1 2 ? 0.937   3.371   -9.576  1.00 40.96 ? 2   DT  A C4     1 
ATOM   18  O  O4     . DT  A 1 2 ? 1.975   3.704   -9.012  1.00 43.69 ? 2   DT  A O4     1 
ATOM   19  C  C5     . DT  A 1 2 ? -0.092  4.280   -10.010 1.00 41.24 ? 2   DT  A C5     1 
ATOM   20  C  C7     . DT  A 1 2 ? 0.083   5.745   -9.772  1.00 42.74 ? 2   DT  A C7     1 
ATOM   21  C  C6     . DT  A 1 2 ? -1.165  3.766   -10.621 1.00 41.45 ? 2   DT  A C6     1 
ATOM   22  H  H3     . DT  A 1 2 ? 1.396   1.382   -9.533  1.00 0.00  ? 2   DT  A H3     1 
ATOM   23  P  P      . DC  A 1 3 ? -6.170  1.208   -8.840  1.00 42.37 ? 3   DC  A P      1 
ATOM   24  O  OP1    . DC  A 1 3 ? -7.597  0.800   -8.836  1.00 49.04 ? 3   DC  A OP1    1 
ATOM   25  O  OP2    . DC  A 1 3 ? -5.678  2.187   -7.845  1.00 44.35 ? 3   DC  A OP2    1 
ATOM   26  O  "O5'"  . DC  A 1 3 ? -5.273  -0.096  -8.739  1.00 38.01 ? 3   DC  A "O5'"  1 
ATOM   27  C  "C5'"  . DC  A 1 3 ? -5.579  -1.253  -9.493  1.00 32.95 ? 3   DC  A "C5'"  1 
ATOM   28  C  "C4'"  . DC  A 1 3 ? -4.502  -2.292  -9.286  1.00 33.75 ? 3   DC  A "C4'"  1 
ATOM   29  O  "O4'"  . DC  A 1 3 ? -3.210  -1.717  -9.571  1.00 29.33 ? 3   DC  A "O4'"  1 
ATOM   30  C  "C3'"  . DC  A 1 3 ? -4.351  -2.794  -7.860  1.00 33.41 ? 3   DC  A "C3'"  1 
ATOM   31  O  "O3'"  . DC  A 1 3 ? -5.340  -3.765  -7.521  1.00 34.54 ? 3   DC  A "O3'"  1 
ATOM   32  C  "C2'"  . DC  A 1 3 ? -2.949  -3.367  -7.889  1.00 32.87 ? 3   DC  A "C2'"  1 
ATOM   33  C  "C1'"  . DC  A 1 3 ? -2.229  -2.358  -8.763  1.00 26.67 ? 3   DC  A "C1'"  1 
ATOM   34  N  N1     . DC  A 1 3 ? -1.508  -1.322  -8.019  1.00 25.18 ? 3   DC  A N1     1 
ATOM   35  C  C2     . DC  A 1 3 ? -0.234  -1.618  -7.573  1.00 24.61 ? 3   DC  A C2     1 
ATOM   36  O  O2     . DC  A 1 3 ? 0.203   -2.775  -7.738  1.00 29.07 ? 3   DC  A O2     1 
ATOM   37  N  N3     . DC  A 1 3 ? 0.494   -0.662  -6.977  1.00 23.21 ? 3   DC  A N3     1 
ATOM   38  C  C4     . DC  A 1 3 ? -0.008  0.552   -6.814  1.00 23.80 ? 3   DC  A C4     1 
ATOM   39  N  N4     . DC  A 1 3 ? 0.788   1.472   -6.285  1.00 26.96 ? 3   DC  A N4     1 
ATOM   40  C  C5     . DC  A 1 3 ? -1.337  0.874   -7.204  1.00 24.48 ? 3   DC  A C5     1 
ATOM   41  C  C6     . DC  A 1 3 ? -2.049  -0.091  -7.797  1.00 23.18 ? 3   DC  A C6     1 
ATOM   42  H  H41    . DC  A 1 3 ? 0.453   2.414   -6.168  1.00 0.00  ? 3   DC  A H41    1 
ATOM   43  H  H42    . DC  A 1 3 ? 1.727   1.232   -6.005  1.00 0.00  ? 3   DC  A H42    1 
ATOM   44  P  P      . DT  A 1 4 ? -5.728  -3.971  -5.986  1.00 30.89 ? 4   DT  A P      1 
ATOM   45  O  OP1    . DT  A 1 4 ? -6.891  -4.853  -5.860  1.00 34.98 ? 4   DT  A OP1    1 
ATOM   46  O  OP2    . DT  A 1 4 ? -5.748  -2.634  -5.365  1.00 34.05 ? 4   DT  A OP2    1 
ATOM   47  O  "O5'"  . DT  A 1 4 ? -4.487  -4.782  -5.424  1.00 32.85 ? 4   DT  A "O5'"  1 
ATOM   48  C  "C5'"  . DT  A 1 4 ? -4.168  -6.067  -5.950  1.00 31.68 ? 4   DT  A "C5'"  1 
ATOM   49  C  "C4'"  . DT  A 1 4 ? -2.842  -6.548  -5.402  1.00 30.01 ? 4   DT  A "C4'"  1 
ATOM   50  O  "O4'"  . DT  A 1 4 ? -1.779  -5.641  -5.770  1.00 33.20 ? 4   DT  A "O4'"  1 
ATOM   51  C  "C3'"  . DT  A 1 4 ? -2.755  -6.576  -3.890  1.00 26.35 ? 4   DT  A "C3'"  1 
ATOM   52  O  "O3'"  . DT  A 1 4 ? -3.375  -7.727  -3.378  1.00 26.97 ? 4   DT  A "O3'"  1 
ATOM   53  C  "C2'"  . DT  A 1 4 ? -1.262  -6.593  -3.654  1.00 27.01 ? 4   DT  A "C2'"  1 
ATOM   54  C  "C1'"  . DT  A 1 4 ? -0.765  -5.673  -4.760  1.00 26.88 ? 4   DT  A "C1'"  1 
ATOM   55  N  N1     . DT  A 1 4 ? -0.483  -4.290  -4.344  1.00 21.94 ? 4   DT  A N1     1 
ATOM   56  C  C2     . DT  A 1 4 ? 0.769   -4.038  -3.871  1.00 17.07 ? 4   DT  A C2     1 
ATOM   57  O  O2     . DT  A 1 4 ? 1.589   -4.908  -3.689  1.00 19.13 ? 4   DT  A O2     1 
ATOM   58  N  N3     . DT  A 1 4 ? 1.026   -2.737  -3.603  1.00 18.68 ? 4   DT  A N3     1 
ATOM   59  C  C4     . DT  A 1 4 ? 0.166   -1.680  -3.725  1.00 19.74 ? 4   DT  A C4     1 
ATOM   60  O  O4     . DT  A 1 4 ? 0.564   -0.554  -3.495  1.00 25.97 ? 4   DT  A O4     1 
ATOM   61  C  C5     . DT  A 1 4 ? -1.165  -2.013  -4.148  1.00 19.26 ? 4   DT  A C5     1 
ATOM   62  C  C7     . DT  A 1 4 ? -2.189  -0.930  -4.222  1.00 21.02 ? 4   DT  A C7     1 
ATOM   63  C  C6     . DT  A 1 4 ? -1.424  -3.289  -4.447  1.00 18.62 ? 4   DT  A C6     1 
ATOM   64  H  H3     . DT  A 1 4 ? 1.954   -2.533  -3.263  1.00 0.00  ? 4   DT  A H3     1 
ATOM   65  P  P      . DT  A 1 5 ? -3.980  -7.679  -1.913  1.00 27.48 ? 5   DT  A P      1 
ATOM   66  O  OP1    . DT  A 1 5 ? -4.730  -8.938  -1.706  1.00 30.60 ? 5   DT  A OP1    1 
ATOM   67  O  OP2    . DT  A 1 5 ? -4.648  -6.367  -1.800  1.00 26.55 ? 5   DT  A OP2    1 
ATOM   68  O  "O5'"  . DT  A 1 5 ? -2.699  -7.686  -0.972  1.00 29.54 ? 5   DT  A "O5'"  1 
ATOM   69  C  "C5'"  . DT  A 1 5 ? -1.898  -8.858  -0.875  1.00 24.15 ? 5   DT  A "C5'"  1 
ATOM   70  C  "C4'"  . DT  A 1 5 ? -0.556  -8.543  -0.261  1.00 20.35 ? 5   DT  A "C4'"  1 
ATOM   71  O  "O4'"  . DT  A 1 5 ? 0.134   -7.528  -1.006  1.00 21.76 ? 5   DT  A "O4'"  1 
ATOM   72  C  "C3'"  . DT  A 1 5 ? -0.584  -8.012  1.161   1.00 21.96 ? 5   DT  A "C3'"  1 
ATOM   73  O  "O3'"  . DT  A 1 5 ? -0.701  -9.121  2.037   1.00 26.60 ? 5   DT  A "O3'"  1 
ATOM   74  C  "C2'"  . DT  A 1 5 ? 0.786   -7.373  1.269   1.00 20.49 ? 5   DT  A "C2'"  1 
ATOM   75  C  "C1'"  . DT  A 1 5 ? 0.954   -6.774  -0.117  1.00 19.77 ? 5   DT  A "C1'"  1 
ATOM   76  N  N1     . DT  A 1 5 ? 0.486   -5.404  -0.158  1.00 20.83 ? 5   DT  A N1     1 
ATOM   77  C  C2     . DT  A 1 5 ? 1.357   -4.437  0.240   1.00 20.89 ? 5   DT  A C2     1 
ATOM   78  O  O2     . DT  A 1 5 ? 2.462   -4.694  0.660   1.00 28.29 ? 5   DT  A O2     1 
ATOM   79  N  N3     . DT  A 1 5 ? 0.881   -3.161  0.138   1.00 18.74 ? 5   DT  A N3     1 
ATOM   80  C  C4     . DT  A 1 5 ? -0.364  -2.778  -0.300  1.00 16.41 ? 5   DT  A C4     1 
ATOM   81  O  O4     . DT  A 1 5 ? -0.627  -1.607  -0.363  1.00 19.24 ? 5   DT  A O4     1 
ATOM   82  C  C5     . DT  A 1 5 ? -1.255  -3.855  -0.667  1.00 14.70 ? 5   DT  A C5     1 
ATOM   83  C  C7     . DT  A 1 5 ? -2.640  -3.539  -1.122  1.00 13.44 ? 5   DT  A C7     1 
ATOM   84  C  C6     . DT  A 1 5 ? -0.790  -5.099  -0.584  1.00 18.76 ? 5   DT  A C6     1 
ATOM   85  H  H3     . DT  A 1 5 ? 1.514   -2.427  0.417   1.00 0.00  ? 5   DT  A H3     1 
HETATM 86  BR BR     . CBR A 1 6 ? -2.284  -4.553  2.691   1.00 31.16 ? 6   CBR A BR     1 
HETATM 87  P  P      . CBR A 1 6 ? -1.354  -8.936  3.472   1.00 28.25 ? 6   CBR A P      1 
HETATM 88  O  OP1    . CBR A 1 6 ? -1.476  -10.308 4.022   1.00 26.03 ? 6   CBR A OP1    1 
HETATM 89  O  OP2    . CBR A 1 6 ? -2.557  -8.095  3.326   1.00 26.99 ? 6   CBR A OP2    1 
HETATM 90  O  "O5'"  . CBR A 1 6 ? -0.247  -8.135  4.285   1.00 25.36 ? 6   CBR A "O5'"  1 
HETATM 91  N  N1     . CBR A 1 6 ? 1.442   -4.497  4.342   1.00 21.40 ? 6   CBR A N1     1 
HETATM 92  C  C6     . CBR A 1 6 ? 0.260   -4.903  3.796   1.00 21.66 ? 6   CBR A C6     1 
HETATM 93  C  C2     . CBR A 1 6 ? 1.747   -3.164  4.428   1.00 17.43 ? 6   CBR A C2     1 
HETATM 94  O  O2     . CBR A 1 6 ? 2.789   -2.844  4.999   1.00 24.00 ? 6   CBR A O2     1 
HETATM 95  N  N3     . CBR A 1 6 ? 0.899   -2.249  3.915   1.00 21.26 ? 6   CBR A N3     1 
HETATM 96  C  C4     . CBR A 1 6 ? -0.251  -2.648  3.378   1.00 22.95 ? 6   CBR A C4     1 
HETATM 97  N  N4     . CBR A 1 6 ? -1.079  -1.713  2.877   1.00 19.99 ? 6   CBR A N4     1 
HETATM 98  C  C5     . CBR A 1 6 ? -0.612  -4.014  3.337   1.00 21.30 ? 6   CBR A C5     1 
HETATM 99  C  "C2'"  . CBR A 1 6 ? 2.263   -5.681  6.330   1.00 19.83 ? 6   CBR A "C2'"  1 
HETATM 100 C  "C5'"  . CBR A 1 6 ? 0.977   -8.753  4.650   1.00 22.50 ? 6   CBR A "C5'"  1 
HETATM 101 C  "C4'"  . CBR A 1 6 ? 1.929   -7.716  5.195   1.00 19.81 ? 6   CBR A "C4'"  1 
HETATM 102 O  "O4'"  . CBR A 1 6 ? 2.187   -6.716  4.198   1.00 22.76 ? 6   CBR A "O4'"  1 
HETATM 103 C  "C1'"  . CBR A 1 6 ? 2.419   -5.458  4.843   1.00 20.88 ? 6   CBR A "C1'"  1 
HETATM 104 C  "C3'"  . CBR A 1 6 ? 1.394   -6.917  6.371   1.00 23.80 ? 6   CBR A "C3'"  1 
HETATM 105 O  "O3'"  . CBR A 1 6 ? 1.616   -7.626  7.577   1.00 26.29 ? 6   CBR A "O3'"  1 
HETATM 106 H  H41    . CBR A 1 6 ? -0.828  -0.740  2.911   1.00 0.00  ? 6   CBR A H41    1 
HETATM 107 H  H42    . CBR A 1 6 ? -1.957  -1.993  2.470   1.00 0.00  ? 6   CBR A H42    1 
ATOM   108 P  P      . DT  A 1 7 ? 0.730   -7.290  8.856   1.00 29.32 ? 7   DT  A P      1 
ATOM   109 O  OP1    . DT  A 1 7 ? 1.246   -8.233  9.872   1.00 32.56 ? 7   DT  A OP1    1 
ATOM   110 O  OP2    . DT  A 1 7 ? -0.713  -7.287  8.501   1.00 23.71 ? 7   DT  A OP2    1 
ATOM   111 O  "O5'"  . DT  A 1 7 ? 1.174   -5.823  9.270   1.00 29.10 ? 7   DT  A "O5'"  1 
ATOM   112 C  "C5'"  . DT  A 1 7 ? 2.452   -5.592  9.838   1.00 26.68 ? 7   DT  A "C5'"  1 
ATOM   113 C  "C4'"  . DT  A 1 7 ? 2.650   -4.116  10.092  1.00 21.68 ? 7   DT  A "C4'"  1 
ATOM   114 O  "O4'"  . DT  A 1 7 ? 2.581   -3.407  8.850   1.00 21.62 ? 7   DT  A "O4'"  1 
ATOM   115 C  "C3'"  . DT  A 1 7 ? 1.604   -3.443  10.969  1.00 23.40 ? 7   DT  A "C3'"  1 
ATOM   116 O  "O3'"  . DT  A 1 7 ? 1.949   -3.622  12.340  1.00 25.58 ? 7   DT  A "O3'"  1 
ATOM   117 C  "C2'"  . DT  A 1 7 ? 1.751   -1.992  10.564  1.00 22.97 ? 7   DT  A "C2'"  1 
ATOM   118 C  "C1'"  . DT  A 1 7 ? 2.010   -2.124  9.069   1.00 22.14 ? 7   DT  A "C1'"  1 
ATOM   119 N  N1     . DT  A 1 7 ? 0.774   -2.033  8.280   1.00 13.54 ? 7   DT  A N1     1 
ATOM   120 C  C2     . DT  A 1 7 ? 0.407   -0.784  7.943   1.00 19.29 ? 7   DT  A C2     1 
ATOM   121 O  O2     . DT  A 1 7 ? 1.001   0.198   8.363   1.00 24.06 ? 7   DT  A O2     1 
ATOM   122 N  N3     . DT  A 1 7 ? -0.697  -0.707  7.128   1.00 16.88 ? 7   DT  A N3     1 
ATOM   123 C  C4     . DT  A 1 7 ? -1.465  -1.748  6.676   1.00 13.47 ? 7   DT  A C4     1 
ATOM   124 O  O4     . DT  A 1 7 ? -2.395  -1.518  5.944   1.00 16.08 ? 7   DT  A O4     1 
ATOM   125 C  C5     . DT  A 1 7 ? -1.066  -3.051  7.133   1.00 14.28 ? 7   DT  A C5     1 
ATOM   126 C  C7     . DT  A 1 7 ? -1.883  -4.241  6.740   1.00 13.00 ? 7   DT  A C7     1 
ATOM   127 C  C6     . DT  A 1 7 ? 0.033   -3.135  7.895   1.00 15.94 ? 7   DT  A C6     1 
ATOM   128 H  H3     . DT  A 1 7 ? -0.978  0.217   6.836   1.00 0.00  ? 7   DT  A H3     1 
ATOM   129 P  P      . DT  A 1 8 ? 0.849   -3.422  13.478  1.00 25.84 ? 8   DT  A P      1 
ATOM   130 O  OP1    . DT  A 1 8 ? 1.542   -3.729  14.746  1.00 34.75 ? 8   DT  A OP1    1 
ATOM   131 O  OP2    . DT  A 1 8 ? -0.370  -4.172  13.114  1.00 27.40 ? 8   DT  A OP2    1 
ATOM   132 O  "O5'"  . DT  A 1 8 ? 0.560   -1.863  13.467  1.00 26.12 ? 8   DT  A "O5'"  1 
ATOM   133 C  "C5'"  . DT  A 1 8 ? 1.564   -0.942  13.862  1.00 24.79 ? 8   DT  A "C5'"  1 
ATOM   134 C  "C4'"  . DT  A 1 8 ? 1.053   0.474   13.751  1.00 24.19 ? 8   DT  A "C4'"  1 
ATOM   135 O  "O4'"  . DT  A 1 8 ? 0.888   0.859   12.367  1.00 24.78 ? 8   DT  A "O4'"  1 
ATOM   136 C  "C3'"  . DT  A 1 8 ? -0.311  0.712   14.364  1.00 24.22 ? 8   DT  A "C3'"  1 
ATOM   137 O  "O3'"  . DT  A 1 8 ? -0.231  0.939   15.760  1.00 29.45 ? 8   DT  A "O3'"  1 
ATOM   138 C  "C2'"  . DT  A 1 8 ? -0.757  1.967   13.653  1.00 24.90 ? 8   DT  A "C2'"  1 
ATOM   139 C  "C1'"  . DT  A 1 8 ? -0.250  1.714   12.248  1.00 22.36 ? 8   DT  A "C1'"  1 
ATOM   140 N  N1     . DT  A 1 8 ? -1.240  1.047   11.365  1.00 18.81 ? 8   DT  A N1     1 
ATOM   141 C  C2     . DT  A 1 8 ? -2.033  1.849   10.603  1.00 18.78 ? 8   DT  A C2     1 
ATOM   142 O  O2     . DT  A 1 8 ? -2.058  3.054   10.723  1.00 20.72 ? 8   DT  A O2     1 
ATOM   143 N  N3     . DT  A 1 8 ? -2.828  1.186   9.715   1.00 21.99 ? 8   DT  A N3     1 
ATOM   144 C  C4     . DT  A 1 8 ? -2.947  -0.172  9.563   1.00 20.26 ? 8   DT  A C4     1 
ATOM   145 O  O4     . DT  A 1 8 ? -3.702  -0.618  8.716   1.00 26.48 ? 8   DT  A O4     1 
ATOM   146 C  C5     . DT  A 1 8 ? -2.138  -0.964  10.454  1.00 16.26 ? 8   DT  A C5     1 
ATOM   147 C  C7     . DT  A 1 8 ? -2.235  -2.456  10.406  1.00 15.94 ? 8   DT  A C7     1 
ATOM   148 C  C6     . DT  A 1 8 ? -1.332  -0.321  11.295  1.00 17.11 ? 8   DT  A C6     1 
ATOM   149 H  H3     . DT  A 1 8 ? -3.398  1.759   9.108   1.00 0.00  ? 8   DT  A H3     1 
ATOM   150 P  P      . DC  A 1 9 ? -1.495  0.596   16.684  1.00 30.33 ? 9   DC  A P      1 
ATOM   151 O  OP1    . DC  A 1 9 ? -1.105  0.754   18.111  1.00 37.21 ? 9   DC  A OP1    1 
ATOM   152 O  OP2    . DC  A 1 9 ? -2.055  -0.696  16.221  1.00 31.89 ? 9   DC  A OP2    1 
ATOM   153 O  "O5'"  . DC  A 1 9 ? -2.544  1.731   16.338  1.00 31.24 ? 9   DC  A "O5'"  1 
ATOM   154 C  "C5'"  . DC  A 1 9 ? -2.415  3.054   16.848  1.00 29.08 ? 9   DC  A "C5'"  1 
ATOM   155 C  "C4'"  . DC  A 1 9 ? -3.409  3.949   16.153  1.00 27.43 ? 9   DC  A "C4'"  1 
ATOM   156 O  "O4'"  . DC  A 1 9 ? -3.311  3.659   14.740  1.00 28.45 ? 9   DC  A "O4'"  1 
ATOM   157 C  "C3'"  . DC  A 1 9 ? -4.863  3.652   16.505  1.00 28.84 ? 9   DC  A "C3'"  1 
ATOM   158 O  "O3'"  . DC  A 1 9 ? -5.356  4.328   17.672  1.00 31.92 ? 9   DC  A "O3'"  1 
ATOM   159 C  "C2'"  . DC  A 1 9 ? -5.599  4.080   15.253  1.00 28.64 ? 9   DC  A "C2'"  1 
ATOM   160 C  "C1'"  . DC  A 1 9 ? -4.597  3.784   14.135  1.00 26.50 ? 9   DC  A "C1'"  1 
ATOM   161 N  N1     . DC  A 1 9 ? -4.874  2.566   13.341  1.00 24.06 ? 9   DC  A N1     1 
ATOM   162 C  C2     . DC  A 1 9 ? -5.701  2.686   12.213  1.00 22.18 ? 9   DC  A C2     1 
ATOM   163 O  O2     . DC  A 1 9 ? -6.208  3.795   11.949  1.00 19.24 ? 9   DC  A O2     1 
ATOM   164 N  N3     . DC  A 1 9 ? -5.939  1.595   11.457  1.00 18.20 ? 9   DC  A N3     1 
ATOM   165 C  C4     . DC  A 1 9 ? -5.424  0.418   11.802  1.00 17.37 ? 9   DC  A C4     1 
ATOM   166 N  N4     . DC  A 1 9 ? -5.701  -0.624  11.027  1.00 22.42 ? 9   DC  A N4     1 
ATOM   167 C  C5     . DC  A 1 9 ? -4.602  0.261   12.957  1.00 15.69 ? 9   DC  A C5     1 
ATOM   168 C  C6     . DC  A 1 9 ? -4.348  1.351   13.684  1.00 16.37 ? 9   DC  A C6     1 
ATOM   169 H  "HO3'" . DC  A 1 9 ? -6.269  4.060   17.773  1.00 0.00  ? 9   DC  A "HO3'" 1 
ATOM   170 H  H41    . DC  A 1 9 ? -5.328  -1.537  11.245  1.00 0.00  ? 9   DC  A H41    1 
ATOM   171 H  H42    . DC  A 1 9 ? -6.293  -0.505  10.217  1.00 0.00  ? 9   DC  A H42    1 
ATOM   172 O  "O5'"  . G   B 2 1 ? -11.735 1.635   2.924   1.00 36.30 ? 10  G   B "O5'"  1 
ATOM   173 C  "C5'"  . G   B 2 1 ? -12.764 2.606   2.979   1.00 33.59 ? 10  G   B "C5'"  1 
ATOM   174 C  "C4'"  . G   B 2 1 ? -12.452 3.732   3.938   1.00 33.13 ? 10  G   B "C4'"  1 
ATOM   175 O  "O4'"  . G   B 2 1 ? -12.516 3.258   5.313   1.00 34.79 ? 10  G   B "O4'"  1 
ATOM   176 C  "C3'"  . G   B 2 1 ? -11.064 4.322   3.807   1.00 31.98 ? 10  G   B "C3'"  1 
ATOM   177 O  "O3'"  . G   B 2 1 ? -11.029 5.297   2.774   1.00 27.37 ? 10  G   B "O3'"  1 
ATOM   178 C  "C2'"  . G   B 2 1 ? -10.860 4.931   5.189   1.00 32.68 ? 10  G   B "C2'"  1 
ATOM   179 O  "O2'"  . G   B 2 1 ? -11.580 6.138   5.354   1.00 37.00 ? 10  G   B "O2'"  1 
ATOM   180 C  "C1'"  . G   B 2 1 ? -11.482 3.855   6.078   1.00 31.10 ? 10  G   B "C1'"  1 
ATOM   181 N  N9     . G   B 2 1 ? -10.577 2.788   6.512   1.00 27.78 ? 10  G   B N9     1 
ATOM   182 C  C8     . G   B 2 1 ? -10.541 1.511   6.012   1.00 25.15 ? 10  G   B C8     1 
ATOM   183 N  N7     . G   B 2 1 ? -9.692  0.742   6.634   1.00 27.07 ? 10  G   B N7     1 
ATOM   184 C  C5     . G   B 2 1 ? -9.126  1.558   7.600   1.00 24.74 ? 10  G   B C5     1 
ATOM   185 C  C6     . G   B 2 1 ? -8.163  1.261   8.591   1.00 23.17 ? 10  G   B C6     1 
ATOM   186 O  O6     . G   B 2 1 ? -7.600  0.178   8.815   1.00 23.86 ? 10  G   B O6     1 
ATOM   187 N  N1     . G   B 2 1 ? -7.870  2.374   9.366   1.00 20.08 ? 10  G   B N1     1 
ATOM   188 C  C2     . G   B 2 1 ? -8.426  3.614   9.198   1.00 22.80 ? 10  G   B C2     1 
ATOM   189 N  N2     . G   B 2 1 ? -8.027  4.570   10.048  1.00 22.27 ? 10  G   B N2     1 
ATOM   190 N  N3     . G   B 2 1 ? -9.318  3.904   8.272   1.00 26.62 ? 10  G   B N3     1 
ATOM   191 C  C4     . G   B 2 1 ? -9.632  2.833   7.522   1.00 25.05 ? 10  G   B C4     1 
ATOM   192 H  "HO2'" . G   B 2 1 ? -11.468 6.409   6.264   1.00 0.00  ? 10  G   B "HO2'" 1 
ATOM   193 H  H1     . G   B 2 1 ? -7.210  2.246   10.121  1.00 0.00  ? 10  G   B H1     1 
ATOM   194 H  H21    . G   B 2 1 ? -8.443  5.491   10.008  1.00 0.00  ? 10  G   B H21    1 
ATOM   195 H  H22    . G   B 2 1 ? -7.310  4.373   10.730  1.00 0.00  ? 10  G   B H22    1 
ATOM   196 H  "HO5'" . G   B 2 1 ? -12.021 0.956   2.307   1.00 0.00  ? 10  G   B "HO5'" 1 
ATOM   197 P  P      . A   B 2 2 ? -9.678  5.544   1.966   1.00 26.12 ? 11  A   B P      1 
ATOM   198 O  OP1    . A   B 2 2 ? -10.055 6.426   0.853   1.00 31.17 ? 11  A   B OP1    1 
ATOM   199 O  OP2    . A   B 2 2 ? -9.004  4.260   1.691   1.00 24.34 ? 11  A   B OP2    1 
ATOM   200 O  "O5'"  . A   B 2 2 ? -8.752  6.310   3.009   1.00 30.25 ? 11  A   B "O5'"  1 
ATOM   201 C  "C5'"  . A   B 2 2 ? -9.087  7.600   3.513   1.00 30.17 ? 11  A   B "C5'"  1 
ATOM   202 C  "C4'"  . A   B 2 2 ? -8.165  7.965   4.662   1.00 29.54 ? 11  A   B "C4'"  1 
ATOM   203 O  "O4'"  . A   B 2 2 ? -8.383  7.041   5.767   1.00 29.57 ? 11  A   B "O4'"  1 
ATOM   204 C  "C3'"  . A   B 2 2 ? -6.671  7.811   4.421   1.00 32.03 ? 11  A   B "C3'"  1 
ATOM   205 O  "O3'"  . A   B 2 2 ? -6.101  8.857   3.657   1.00 35.01 ? 11  A   B "O3'"  1 
ATOM   206 C  "C2'"  . A   B 2 2 ? -6.149  7.771   5.845   1.00 30.00 ? 11  A   B "C2'"  1 
ATOM   207 O  "O2'"  . A   B 2 2 ? -6.261  9.018   6.511   1.00 32.68 ? 11  A   B "O2'"  1 
ATOM   208 C  "C1'"  . A   B 2 2 ? -7.162  6.819   6.456   1.00 26.86 ? 11  A   B "C1'"  1 
ATOM   209 N  N9     . A   B 2 2 ? -6.785  5.425   6.261   1.00 22.56 ? 11  A   B N9     1 
ATOM   210 C  C8     . A   B 2 2 ? -7.218  4.554   5.297   1.00 21.72 ? 11  A   B C8     1 
ATOM   211 N  N7     . A   B 2 2 ? -6.762  3.342   5.444   1.00 20.31 ? 11  A   B N7     1 
ATOM   212 C  C5     . A   B 2 2 ? -5.950  3.424   6.569   1.00 19.12 ? 11  A   B C5     1 
ATOM   213 C  C6     . A   B 2 2 ? -5.186  2.473   7.260   1.00 18.15 ? 11  A   B C6     1 
ATOM   214 N  N6     . A   B 2 2 ? -5.110  1.189   6.918   1.00 18.80 ? 11  A   B N6     1 
ATOM   215 N  N1     . A   B 2 2 ? -4.491  2.889   8.339   1.00 18.71 ? 11  A   B N1     1 
ATOM   216 C  C2     . A   B 2 2 ? -4.567  4.172   8.690   1.00 15.32 ? 11  A   B C2     1 
ATOM   217 N  N3     . A   B 2 2 ? -5.255  5.158   8.131   1.00 22.82 ? 11  A   B N3     1 
ATOM   218 C  C4     . A   B 2 2 ? -5.937  4.708   7.064   1.00 21.39 ? 11  A   B C4     1 
ATOM   219 H  "HO2'" . A   B 2 2 ? -5.882  8.918   7.386   1.00 0.00  ? 11  A   B "HO2'" 1 
ATOM   220 H  H61    . A   B 2 2 ? -5.613  0.850   6.112   1.00 0.00  ? 11  A   B H61    1 
ATOM   221 H  H62    . A   B 2 2 ? -4.551  0.548   7.463   1.00 0.00  ? 11  A   B H62    1 
ATOM   222 P  P      . A   B 2 3 ? -4.967  8.505   2.570   1.00 37.20 ? 12  A   B P      1 
ATOM   223 O  OP1    . A   B 2 3 ? -4.799  9.696   1.692   1.00 40.58 ? 12  A   B OP1    1 
ATOM   224 O  OP2    . A   B 2 3 ? -5.289  7.187   1.958   1.00 36.97 ? 12  A   B OP2    1 
ATOM   225 O  "O5'"  . A   B 2 3 ? -3.648  8.341   3.451   1.00 37.62 ? 12  A   B "O5'"  1 
ATOM   226 C  "C5'"  . A   B 2 3 ? -3.196  9.418   4.284   1.00 37.41 ? 12  A   B "C5'"  1 
ATOM   227 C  "C4'"  . A   B 2 3 ? -2.231  8.921   5.339   1.00 32.70 ? 12  A   B "C4'"  1 
ATOM   228 O  "O4'"  . A   B 2 3 ? -2.881  7.862   6.083   1.00 28.45 ? 12  A   B "O4'"  1 
ATOM   229 C  "C3'"  . A   B 2 3 ? -0.935  8.292   4.852   1.00 33.00 ? 12  A   B "C3'"  1 
ATOM   230 O  "O3'"  . A   B 2 3 ? 0.055   9.279   4.526   1.00 33.34 ? 12  A   B "O3'"  1 
ATOM   231 C  "C2'"  . A   B 2 3 ? -0.560  7.417   6.041   1.00 28.41 ? 12  A   B "C2'"  1 
ATOM   232 O  "O2'"  . A   B 2 3 ? -0.002  8.130   7.127   1.00 32.03 ? 12  A   B "O2'"  1 
ATOM   233 C  "C1'"  . A   B 2 3 ? -1.933  6.902   6.463   1.00 25.51 ? 12  A   B "C1'"  1 
ATOM   234 N  N9     . A   B 2 3 ? -2.293  5.675   5.792   1.00 22.45 ? 12  A   B N9     1 
ATOM   235 C  C8     . A   B 2 3 ? -3.074  5.526   4.683   1.00 20.18 ? 12  A   B C8     1 
ATOM   236 N  N7     . A   B 2 3 ? -3.221  4.285   4.310   1.00 22.85 ? 12  A   B N7     1 
ATOM   237 C  C5     . A   B 2 3 ? -2.486  3.564   5.241   1.00 20.63 ? 12  A   B C5     1 
ATOM   238 C  C6     . A   B 2 3 ? -2.249  2.196   5.407   1.00 18.98 ? 12  A   B C6     1 
ATOM   239 N  N6     . A   B 2 3 ? -2.736  1.258   4.601   1.00 24.04 ? 12  A   B N6     1 
ATOM   240 N  N1     . A   B 2 3 ? -1.480  1.813   6.448   1.00 21.55 ? 12  A   B N1     1 
ATOM   241 C  C2     . A   B 2 3 ? -0.985  2.752   7.261   1.00 16.93 ? 12  A   B C2     1 
ATOM   242 N  N3     . A   B 2 3 ? -1.132  4.066   7.208   1.00 20.42 ? 12  A   B N3     1 
ATOM   243 C  C4     . A   B 2 3 ? -1.906  4.412   6.160   1.00 24.29 ? 12  A   B C4     1 
ATOM   244 H  "HO2'" . A   B 2 3 ? 0.183   7.486   7.810   1.00 0.00  ? 12  A   B "HO2'" 1 
ATOM   245 H  H61    . A   B 2 3 ? -3.313  1.515   3.814   1.00 0.00  ? 12  A   B H61    1 
ATOM   246 H  H62    . A   B 2 3 ? -2.532  0.284   4.781   1.00 0.00  ? 12  A   B H62    1 
ATOM   247 P  P      . G   B 2 4 ? 1.163   8.961   3.400   1.00 33.07 ? 13  G   B P      1 
ATOM   248 O  OP1    . G   B 2 4 ? 1.963   10.177  3.130   1.00 36.01 ? 13  G   B OP1    1 
ATOM   249 O  OP2    . G   B 2 4 ? 0.510   8.247   2.271   1.00 35.50 ? 13  G   B OP2    1 
ATOM   250 O  "O5'"  . G   B 2 4 ? 2.122   7.912   4.108   1.00 32.19 ? 13  G   B "O5'"  1 
ATOM   251 C  "C5'"  . G   B 2 4 ? 2.994   8.315   5.154   1.00 29.74 ? 13  G   B "C5'"  1 
ATOM   252 C  "C4'"  . G   B 2 4 ? 3.576   7.108   5.818   1.00 25.65 ? 13  G   B "C4'"  1 
ATOM   253 O  "O4'"  . G   B 2 4 ? 2.482   6.270   6.259   1.00 25.82 ? 13  G   B "O4'"  1 
ATOM   254 C  "C3'"  . G   B 2 4 ? 4.329   6.180   4.899   1.00 27.26 ? 13  G   B "C3'"  1 
ATOM   255 O  "O3'"  . G   B 2 4 ? 5.637   6.629   4.634   1.00 34.53 ? 13  G   B "O3'"  1 
ATOM   256 C  "C2'"  . G   B 2 4 ? 4.303   4.883   5.686   1.00 26.09 ? 13  G   B "C2'"  1 
ATOM   257 O  "O2'"  . G   B 2 4 ? 5.179   4.872   6.789   1.00 31.81 ? 13  G   B "O2'"  1 
ATOM   258 C  "C1'"  . G   B 2 4 ? 2.867   4.901   6.181   1.00 25.38 ? 13  G   B "C1'"  1 
ATOM   259 N  N9     . G   B 2 4 ? 1.997   4.216   5.232   1.00 20.65 ? 13  G   B N9     1 
ATOM   260 C  C8     . G   B 2 4 ? 1.089   4.769   4.361   1.00 17.54 ? 13  G   B C8     1 
ATOM   261 N  N7     . G   B 2 4 ? 0.442   3.872   3.673   1.00 20.32 ? 13  G   B N7     1 
ATOM   262 C  C5     . G   B 2 4 ? 0.947   2.660   4.121   1.00 16.14 ? 13  G   B C5     1 
ATOM   263 C  C6     . G   B 2 4 ? 0.592   1.315   3.786   1.00 19.34 ? 13  G   B C6     1 
ATOM   264 O  O6     . G   B 2 4 ? -0.310  0.908   3.031   1.00 19.22 ? 13  G   B O6     1 
ATOM   265 N  N1     . G   B 2 4 ? 1.385   0.393   4.459   1.00 18.53 ? 13  G   B N1     1 
ATOM   266 C  C2     . G   B 2 4 ? 2.368   0.711   5.365   1.00 18.89 ? 13  G   B C2     1 
ATOM   267 N  N2     . G   B 2 4 ? 3.039   -0.318  5.891   1.00 17.79 ? 13  G   B N2     1 
ATOM   268 N  N3     . G   B 2 4 ? 2.672   1.944   5.719   1.00 20.90 ? 13  G   B N3     1 
ATOM   269 C  C4     . G   B 2 4 ? 1.929   2.861   5.060   1.00 19.49 ? 13  G   B C4     1 
ATOM   270 H  "HO2'" . G   B 2 4 ? 5.003   4.072   7.287   1.00 0.00  ? 13  G   B "HO2'" 1 
ATOM   271 H  H1     . G   B 2 4 ? 1.224   -0.586  4.271   1.00 0.00  ? 13  G   B H1     1 
ATOM   272 H  H21    . G   B 2 4 ? 3.753   -0.164  6.592   1.00 0.00  ? 13  G   B H21    1 
ATOM   273 H  H22    . G   B 2 4 ? 2.834   -1.253  5.574   1.00 0.00  ? 13  G   B H22    1 
ATOM   274 P  P      . A   B 2 5 ? 6.274   6.375   3.184   1.00 34.41 ? 14  A   B P      1 
ATOM   275 O  OP1    . A   B 2 5 ? 7.445   7.261   3.042   1.00 39.98 ? 14  A   B OP1    1 
ATOM   276 O  OP2    . A   B 2 5 ? 5.151   6.491   2.224   1.00 37.95 ? 14  A   B OP2    1 
ATOM   277 O  "O5'"  . A   B 2 5 ? 6.756   4.853   3.210   1.00 32.38 ? 14  A   B "O5'"  1 
ATOM   278 C  "C5'"  . A   B 2 5 ? 7.604   4.368   4.245   1.00 31.28 ? 14  A   B "C5'"  1 
ATOM   279 C  "C4'"  . A   B 2 5 ? 7.591   2.849   4.291   1.00 31.10 ? 14  A   B "C4'"  1 
ATOM   280 O  "O4'"  . A   B 2 5 ? 6.241   2.374   4.538   1.00 31.47 ? 14  A   B "O4'"  1 
ATOM   281 C  "C3'"  . A   B 2 5 ? 7.991   2.113   3.028   1.00 31.88 ? 14  A   B "C3'"  1 
ATOM   282 O  "O3'"  . A   B 2 5 ? 9.396   2.006   2.894   1.00 35.72 ? 14  A   B "O3'"  1 
ATOM   283 C  "C2'"  . A   B 2 5 ? 7.376   0.743   3.252   1.00 29.85 ? 14  A   B "C2'"  1 
ATOM   284 O  "O2'"  . A   B 2 5 ? 8.111   -0.046  4.159   1.00 29.47 ? 14  A   B "O2'"  1 
ATOM   285 C  "C1'"  . A   B 2 5 ? 6.052   1.123   3.896   1.00 27.39 ? 14  A   B "C1'"  1 
ATOM   286 N  N9     . A   B 2 5 ? 4.969   1.269   2.926   1.00 24.55 ? 14  A   B N9     1 
ATOM   287 C  C8     . A   B 2 5 ? 4.386   2.409   2.418   1.00 21.11 ? 14  A   B C8     1 
ATOM   288 N  N7     . A   B 2 5 ? 3.381   2.168   1.616   1.00 17.98 ? 14  A   B N7     1 
ATOM   289 C  C5     . A   B 2 5 ? 3.310   0.778   1.586   1.00 20.93 ? 14  A   B C5     1 
ATOM   290 C  C6     . A   B 2 5 ? 2.442   -0.109  0.946   1.00 20.69 ? 14  A   B C6     1 
ATOM   291 N  N6     . A   B 2 5 ? 1.420   0.282   0.181   1.00 23.67 ? 14  A   B N6     1 
ATOM   292 N  N1     . A   B 2 5 ? 2.649   -1.427  1.122   1.00 20.99 ? 14  A   B N1     1 
ATOM   293 C  C2     . A   B 2 5 ? 3.662   -1.818  1.891   1.00 22.99 ? 14  A   B C2     1 
ATOM   294 N  N3     . A   B 2 5 ? 4.539   -1.085  2.552   1.00 24.53 ? 14  A   B N3     1 
ATOM   295 C  C4     . A   B 2 5 ? 4.298   0.220   2.362   1.00 20.97 ? 14  A   B C4     1 
ATOM   296 H  "HO2'" . A   B 2 5 ? 7.661   -0.885  4.237   1.00 0.00  ? 14  A   B "HO2'" 1 
ATOM   297 H  H61    . A   B 2 5 ? 1.243   1.266   0.041   1.00 0.00  ? 14  A   B H61    1 
ATOM   298 H  H62    . A   B 2 5 ? 0.820   -0.404  -0.250  1.00 0.00  ? 14  A   B H62    1 
ATOM   299 P  P      . A   B 2 6 ? 10.040  2.019   1.429   1.00 36.03 ? 15  A   B P      1 
ATOM   300 O  OP1    . A   B 2 6 ? 11.512  2.188   1.550   1.00 42.04 ? 15  A   B OP1    1 
ATOM   301 O  OP2    . A   B 2 6 ? 9.245   3.019   0.659   1.00 35.58 ? 15  A   B OP2    1 
ATOM   302 O  "O5'"  . A   B 2 6 ? 9.748   0.551   0.897   1.00 31.79 ? 15  A   B "O5'"  1 
ATOM   303 C  "C5'"  . A   B 2 6 ? 10.305  -0.563  1.566   1.00 31.23 ? 15  A   B "C5'"  1 
ATOM   304 C  "C4'"  . A   B 2 6 ? 9.725   -1.840  1.037   1.00 30.68 ? 15  A   B "C4'"  1 
ATOM   305 O  "O4'"  . A   B 2 6 ? 8.315   -1.896  1.362   1.00 31.66 ? 15  A   B "O4'"  1 
ATOM   306 C  "C3'"  . A   B 2 6 ? 9.725   -2.018  -0.469  1.00 32.88 ? 15  A   B "C3'"  1 
ATOM   307 O  "O3'"  . A   B 2 6 ? 10.983  -2.432  -0.980  1.00 35.62 ? 15  A   B "O3'"  1 
ATOM   308 C  "C2'"  . A   B 2 6 ? 8.691   -3.114  -0.624  1.00 29.06 ? 15  A   B "C2'"  1 
ATOM   309 O  "O2'"  . A   B 2 6 ? 9.196   -4.358  -0.201  1.00 35.58 ? 15  A   B "O2'"  1 
ATOM   310 C  "C1'"  . A   B 2 6 ? 7.635   -2.647  0.366   1.00 28.78 ? 15  A   B "C1'"  1 
ATOM   311 N  N9     . A   B 2 6 ? 6.673   -1.765  -0.281  1.00 24.67 ? 15  A   B N9     1 
ATOM   312 C  C8     . A   B 2 6 ? 6.704   -0.399  -0.351  1.00 20.39 ? 15  A   B C8     1 
ATOM   313 N  N7     . A   B 2 6 ? 5.677   0.115   -0.978  1.00 23.57 ? 15  A   B N7     1 
ATOM   314 C  C5     . A   B 2 6 ? 4.927   -0.994  -1.356  1.00 21.23 ? 15  A   B C5     1 
ATOM   315 C  C6     . A   B 2 6 ? 3.711   -1.125  -2.041  1.00 19.56 ? 15  A   B C6     1 
ATOM   316 N  N6     . A   B 2 6 ? 3.007   -0.088  -2.495  1.00 22.18 ? 15  A   B N6     1 
ATOM   317 N  N1     . A   B 2 6 ? 3.239   -2.365  -2.245  1.00 19.56 ? 15  A   B N1     1 
ATOM   318 C  C2     . A   B 2 6 ? 3.943   -3.400  -1.796  1.00 20.23 ? 15  A   B C2     1 
ATOM   319 N  N3     . A   B 2 6 ? 5.095   -3.408  -1.137  1.00 25.37 ? 15  A   B N3     1 
ATOM   320 C  C4     . A   B 2 6 ? 5.537   -2.156  -0.942  1.00 20.19 ? 15  A   B C4     1 
ATOM   321 H  "HO2'" . A   B 2 6 ? 8.497   -4.998  -0.329  1.00 0.00  ? 15  A   B "HO2'" 1 
ATOM   322 H  H61    . A   B 2 6 ? 3.351   0.851   -2.348  1.00 0.00  ? 15  A   B H61    1 
ATOM   323 H  H62    . A   B 2 6 ? 2.139   -0.236  -2.984  1.00 0.00  ? 15  A   B H62    1 
ATOM   324 P  P      . G   B 2 7 ? 11.500  -1.845  -2.390  1.00 34.89 ? 16  G   B P      1 
ATOM   325 O  OP1    . G   B 2 7 ? 12.879  -2.347  -2.491  1.00 40.93 ? 16  G   B OP1    1 
ATOM   326 O  OP2    . G   B 2 7 ? 11.227  -0.385  -2.514  1.00 36.05 ? 16  G   B OP2    1 
ATOM   327 O  "O5'"  . G   B 2 7 ? 10.610  -2.580  -3.494  1.00 37.60 ? 16  G   B "O5'"  1 
ATOM   328 C  "C5'"  . G   B 2 7 ? 10.679  -3.990  -3.646  1.00 35.54 ? 16  G   B "C5'"  1 
ATOM   329 C  "C4'"  . G   B 2 7 ? 9.413   -4.542  -4.281  1.00 36.35 ? 16  G   B "C4'"  1 
ATOM   330 O  "O4'"  . G   B 2 7 ? 8.229   -4.051  -3.589  1.00 32.71 ? 16  G   B "O4'"  1 
ATOM   331 C  "C3'"  . G   B 2 7 ? 9.076   -4.206  -5.724  1.00 34.86 ? 16  G   B "C3'"  1 
ATOM   332 O  "O3'"  . G   B 2 7 ? 9.901   -4.900  -6.662  1.00 38.91 ? 16  G   B "O3'"  1 
ATOM   333 C  "C2'"  . G   B 2 7 ? 7.647   -4.724  -5.767  1.00 30.45 ? 16  G   B "C2'"  1 
ATOM   334 O  "O2'"  . G   B 2 7 ? 7.630   -6.137  -5.700  1.00 34.40 ? 16  G   B "O2'"  1 
ATOM   335 C  "C1'"  . G   B 2 7 ? 7.108   -4.170  -4.450  1.00 29.62 ? 16  G   B "C1'"  1 
ATOM   336 N  N9     . G   B 2 7 ? 6.519   -2.850  -4.646  1.00 22.70 ? 16  G   B N9     1 
ATOM   337 C  C8     . G   B 2 7 ? 7.076   -1.619  -4.397  1.00 20.86 ? 16  G   B C8     1 
ATOM   338 N  N7     . G   B 2 7 ? 6.277   -0.623  -4.692  1.00 23.57 ? 16  G   B N7     1 
ATOM   339 C  C5     . G   B 2 7 ? 5.120   -1.241  -5.153  1.00 20.75 ? 16  G   B C5     1 
ATOM   340 C  C6     . G   B 2 7 ? 3.885   -0.686  -5.598  1.00 22.89 ? 16  G   B C6     1 
ATOM   341 O  O6     . G   B 2 7 ? 3.546   0.521   -5.679  1.00 23.83 ? 16  G   B O6     1 
ATOM   342 N  N1     . G   B 2 7 ? 2.990   -1.686  -5.977  1.00 20.77 ? 16  G   B N1     1 
ATOM   343 C  C2     . G   B 2 7 ? 3.247   -3.037  -5.950  1.00 21.86 ? 16  G   B C2     1 
ATOM   344 N  N2     . G   B 2 7 ? 2.269   -3.843  -6.371  1.00 21.03 ? 16  G   B N2     1 
ATOM   345 N  N3     . G   B 2 7 ? 4.382   -3.562  -5.539  1.00 23.88 ? 16  G   B N3     1 
ATOM   346 C  C4     . G   B 2 7 ? 5.262   -2.613  -5.149  1.00 22.86 ? 16  G   B C4     1 
ATOM   347 H  "HO2'" . G   B 2 7 ? 6.756   -6.430  -5.948  1.00 0.00  ? 16  G   B "HO2'" 1 
ATOM   348 H  H1     . G   B 2 7 ? 2.081   -1.394  -6.304  1.00 0.00  ? 16  G   B H1     1 
ATOM   349 H  H21    . G   B 2 7 ? 2.378   -4.843  -6.358  1.00 0.00  ? 16  G   B H21    1 
ATOM   350 H  H22    . G   B 2 7 ? 1.413   -3.439  -6.723  1.00 0.00  ? 16  G   B H22    1 
ATOM   351 P  P      . A   B 2 8 ? 10.278  -4.204  -8.074  1.00 39.62 ? 17  A   B P      1 
ATOM   352 O  OP1    . A   B 2 8 ? 11.330  -5.055  -8.682  1.00 43.68 ? 17  A   B OP1    1 
ATOM   353 O  OP2    . A   B 2 8 ? 10.509  -2.740  -7.902  1.00 40.61 ? 17  A   B OP2    1 
ATOM   354 O  "O5'"  . A   B 2 8 ? 8.948   -4.322  -8.950  1.00 43.42 ? 17  A   B "O5'"  1 
ATOM   355 C  "C5'"  . A   B 2 8 ? 8.407   -5.593  -9.298  1.00 40.50 ? 17  A   B "C5'"  1 
ATOM   356 C  "C4'"  . A   B 2 8 ? 6.937   -5.471  -9.654  1.00 36.19 ? 17  A   B "C4'"  1 
ATOM   357 O  "O4'"  . A   B 2 8 ? 6.219   -4.804  -8.570  1.00 31.77 ? 17  A   B "O4'"  1 
ATOM   358 C  "C3'"  . A   B 2 8 ? 6.517   -4.619  -10.850 1.00 35.72 ? 17  A   B "C3'"  1 
ATOM   359 O  "O3'"  . A   B 2 8 ? 6.780   -5.219  -12.120 1.00 38.79 ? 17  A   B "O3'"  1 
ATOM   360 C  "C2'"  . A   B 2 8 ? 5.022   -4.546  -10.575 1.00 32.95 ? 17  A   B "C2'"  1 
ATOM   361 O  "O2'"  . A   B 2 8 ? 4.399   -5.818  -10.731 1.00 31.48 ? 17  A   B "O2'"  1 
ATOM   362 C  "C1'"  . A   B 2 8 ? 5.048   -4.180  -9.093  1.00 29.11 ? 17  A   B "C1'"  1 
ATOM   363 N  N9     . A   B 2 8 ? 5.180   -2.728  -8.955  1.00 24.66 ? 17  A   B N9     1 
ATOM   364 C  C8     . A   B 2 8 ? 6.274   -1.987  -8.591  1.00 24.26 ? 17  A   B C8     1 
ATOM   365 N  N7     . A   B 2 8 ? 6.057   -0.697  -8.570  1.00 22.52 ? 17  A   B N7     1 
ATOM   366 C  C5     . A   B 2 8 ? 4.722   -0.580  -8.944  1.00 22.47 ? 17  A   B C5     1 
ATOM   367 C  C6     . A   B 2 8 ? 3.871   0.533   -9.100  1.00 25.06 ? 17  A   B C6     1 
ATOM   368 N  N6     . A   B 2 8 ? 4.244   1.799   -8.889  1.00 30.64 ? 17  A   B N6     1 
ATOM   369 N  N1     . A   B 2 8 ? 2.600   0.296   -9.489  1.00 24.74 ? 17  A   B N1     1 
ATOM   370 C  C2     . A   B 2 8 ? 2.222   -0.968  -9.711  1.00 23.28 ? 17  A   B C2     1 
ATOM   371 N  N3     . A   B 2 8 ? 2.921   -2.085  -9.595  1.00 23.51 ? 17  A   B N3     1 
ATOM   372 C  C4     . A   B 2 8 ? 4.176   -1.820  -9.195  1.00 23.43 ? 17  A   B C4     1 
ATOM   373 H  "HO2'" . A   B 2 8 ? 3.474   -5.724  -10.507 1.00 0.00  ? 17  A   B "HO2'" 1 
ATOM   374 H  H61    . A   B 2 8 ? 5.187   2.000   -8.589  1.00 0.00  ? 17  A   B H61    1 
ATOM   375 H  H62    . A   B 2 8 ? 3.587   2.553   -9.028  1.00 0.00  ? 17  A   B H62    1 
ATOM   376 P  P      . A   B 2 9 ? 6.939   -4.293  -13.446 1.00 37.65 ? 18  A   B P      1 
ATOM   377 O  OP1    . A   B 2 9 ? 7.310   -5.271  -14.497 1.00 41.26 ? 18  A   B OP1    1 
ATOM   378 O  OP2    . A   B 2 9 ? 7.786   -3.087  -13.209 1.00 35.89 ? 18  A   B OP2    1 
ATOM   379 O  "O5'"  . A   B 2 9 ? 5.483   -3.734  -13.777 1.00 36.55 ? 18  A   B "O5'"  1 
ATOM   380 C  "C5'"  . A   B 2 9 ? 4.408   -4.622  -14.051 1.00 31.51 ? 18  A   B "C5'"  1 
ATOM   381 C  "C4'"  . A   B 2 9 ? 3.119   -3.864  -14.080 1.00 29.39 ? 18  A   B "C4'"  1 
ATOM   382 O  "O4'"  . A   B 2 9 ? 3.038   -3.019  -12.897 1.00 29.15 ? 18  A   B "O4'"  1 
ATOM   383 C  "C3'"  . A   B 2 9 ? 2.969   -2.855  -15.197 1.00 30.04 ? 18  A   B "C3'"  1 
ATOM   384 O  "O3'"  . A   B 2 9 ? 2.846   -3.457  -16.494 1.00 31.45 ? 18  A   B "O3'"  1 
ATOM   385 C  "C2'"  . A   B 2 9 ? 1.844   -1.987  -14.639 1.00 29.06 ? 18  A   B "C2'"  1 
ATOM   386 O  "O2'"  . A   B 2 9 ? 0.574   -2.629  -14.573 1.00 31.76 ? 18  A   B "O2'"  1 
ATOM   387 C  "C1'"  . A   B 2 9 ? 2.312   -1.843  -13.197 1.00 23.74 ? 18  A   B "C1'"  1 
ATOM   388 N  N9     . A   B 2 9 ? 3.182   -0.689  -13.001 1.00 22.26 ? 18  A   B N9     1 
ATOM   389 C  C8     . A   B 2 9 ? 4.527   -0.642  -12.728 1.00 17.25 ? 18  A   B C8     1 
ATOM   390 N  N7     . A   B 2 9 ? 4.982   0.577   -12.553 1.00 19.45 ? 18  A   B N7     1 
ATOM   391 C  C5     . A   B 2 9 ? 3.863   1.388   -12.730 1.00 22.64 ? 18  A   B C5     1 
ATOM   392 C  C6     . A   B 2 9 ? 3.659   2.791   -12.652 1.00 25.74 ? 18  A   B C6     1 
ATOM   393 N  N6     . A   B 2 9 ? 4.604   3.664   -12.302 1.00 34.45 ? 18  A   B N6     1 
ATOM   394 N  N1     . A   B 2 9 ? 2.424   3.270   -12.928 1.00 24.50 ? 18  A   B N1     1 
ATOM   395 C  C2     . A   B 2 9 ? 1.459   2.401   -13.221 1.00 22.22 ? 18  A   B C2     1 
ATOM   396 N  N3     . A   B 2 9 ? 1.512   1.071   -13.289 1.00 25.41 ? 18  A   B N3     1 
ATOM   397 C  C4     . A   B 2 9 ? 2.757   0.623   -13.035 1.00 21.48 ? 18  A   B C4     1 
ATOM   398 H  "HO3'" . A   B 2 9 ? 2.685   -2.739  -17.112 1.00 0.00  ? 18  A   B "HO3'" 1 
ATOM   399 H  "HO2'" . A   B 2 9 ? -0.028  -2.017  -14.149 1.00 0.00  ? 18  A   B "HO2'" 1 
ATOM   400 H  H61    . A   B 2 9 ? 5.533   3.338   -12.073 1.00 0.00  ? 18  A   B H61    1 
ATOM   401 H  H62    . A   B 2 9 ? 4.391   4.652   -12.279 1.00 0.00  ? 18  A   B H62    1 
HETATM 402 O  O      . HOH C 3 . ? -1.441  -1.657  -12.144 1.00 30.90 ? 101 HOH A O      1 
HETATM 403 H  H1     . HOH C 3 . ? -1.941  -1.194  -11.474 1.00 0.00  ? 101 HOH A H1     1 
HETATM 404 H  H2     . HOH C 3 . ? -2.090  -2.255  -12.524 1.00 0.00  ? 101 HOH A H2     1 
HETATM 405 O  O      . HOH C 3 . ? -2.173  2.265   -15.388 1.00 30.93 ? 102 HOH A O      1 
HETATM 406 H  H1     . HOH C 3 . ? -2.372  2.458   -16.305 1.00 0.00  ? 102 HOH A H1     1 
HETATM 407 H  H2     . HOH C 3 . ? -2.927  1.713   -15.100 1.00 0.00  ? 102 HOH A H2     1 
HETATM 408 O  O      . HOH C 3 . ? -2.758  0.263   -0.874  1.00 38.76 ? 103 HOH A O      1 
HETATM 409 H  H1     . HOH C 3 . ? -3.141  0.077   -0.014  1.00 0.00  ? 103 HOH A H1     1 
HETATM 410 H  H2     . HOH C 3 . ? -3.315  0.953   -1.239  1.00 0.00  ? 103 HOH A H2     1 
HETATM 411 O  O      . HOH C 3 . ? -1.577  5.439   11.820  1.00 38.18 ? 110 HOH A O      1 
HETATM 412 H  H1     . HOH C 3 . ? -1.442  5.072   10.949  1.00 0.00  ? 110 HOH A H1     1 
HETATM 413 H  H2     . HOH C 3 . ? -1.904  4.716   12.353  1.00 0.00  ? 110 HOH A H2     1 
HETATM 414 O  O      . HOH C 3 . ? -5.240  -6.901  1.950   1.00 54.30 ? 111 HOH A O      1 
HETATM 415 H  H1     . HOH C 3 . ? -4.808  -6.901  1.097   1.00 0.00  ? 111 HOH A H1     1 
HETATM 416 H  H2     . HOH C 3 . ? -4.585  -7.245  2.557   1.00 0.00  ? 111 HOH A H2     1 
HETATM 417 O  O      . HOH C 3 . ? -0.718  1.948   -2.964  1.00 40.90 ? 119 HOH A O      1 
HETATM 418 H  H1     . HOH C 3 . ? -0.429  2.282   -3.814  1.00 0.00  ? 119 HOH A H1     1 
HETATM 419 H  H2     . HOH C 3 . ? -1.200  2.674   -2.570  1.00 0.00  ? 119 HOH A H2     1 
HETATM 420 O  O      . HOH C 3 . ? -0.660  3.902   -5.542  1.00 46.82 ? 120 HOH A O      1 
HETATM 421 H  H1     . HOH C 3 . ? -1.239  4.097   -4.806  1.00 0.00  ? 120 HOH A H1     1 
HETATM 422 H  H2     . HOH C 3 . ? -0.804  2.974   -5.726  1.00 0.00  ? 120 HOH A H2     1 
HETATM 423 O  O      . HOH C 3 . ? -4.855  -3.160  5.335   1.00 58.77 ? 125 HOH A O      1 
HETATM 424 H  H1     . HOH C 3 . ? -5.687  -3.574  5.101   1.00 0.00  ? 125 HOH A H1     1 
HETATM 425 H  H2     . HOH C 3 . ? -5.042  -2.681  6.142   1.00 0.00  ? 125 HOH A H2     1 
HETATM 426 O  O      . HOH C 3 . ? 2.307   -7.247  14.033  1.00 62.30 ? 126 HOH A O      1 
HETATM 427 H  H1     . HOH C 3 . ? 3.048   -7.181  14.637  1.00 0.00  ? 126 HOH A H1     1 
HETATM 428 H  H2     . HOH C 3 . ? 2.314   -8.155  13.735  1.00 0.00  ? 126 HOH A H2     1 
HETATM 429 O  O      . HOH C 3 . ? -6.172  -6.836  -9.506  1.00 54.22 ? 127 HOH A O      1 
HETATM 430 H  H1     . HOH C 3 . ? -6.737  -7.006  -8.751  1.00 0.00  ? 127 HOH A H1     1 
HETATM 431 H  H2     . HOH C 3 . ? -6.272  -7.602  -10.069 1.00 0.00  ? 127 HOH A H2     1 
HETATM 432 O  O      . HOH C 3 . ? -3.809  -7.112  5.944   1.00 51.77 ? 128 HOH A O      1 
HETATM 433 H  H1     . HOH C 3 . ? -3.403  -7.368  5.118   1.00 0.00  ? 128 HOH A H1     1 
HETATM 434 H  H2     . HOH C 3 . ? -4.699  -6.850  5.702   1.00 0.00  ? 128 HOH A H2     1 
HETATM 435 O  O      . HOH C 3 . ? -5.307  -2.779  8.392   1.00 41.32 ? 130 HOH A O      1 
HETATM 436 H  H1     . HOH C 3 . ? -5.869  -3.510  8.136   1.00 0.00  ? 130 HOH A H1     1 
HETATM 437 H  H2     . HOH C 3 . ? -5.912  -2.037  8.466   1.00 0.00  ? 130 HOH A H2     1 
HETATM 438 O  O      . HOH C 3 . ? -6.739  -13.103 -0.011  1.00 55.65 ? 133 HOH A O      1 
HETATM 439 H  H1     . HOH C 3 . ? -7.296  -13.149 -0.788  1.00 0.00  ? 133 HOH A H1     1 
HETATM 440 H  H2     . HOH C 3 . ? -6.966  -13.885 0.492   1.00 0.00  ? 133 HOH A H2     1 
HETATM 441 O  O      . HOH C 3 . ? 3.843   5.187   -6.246  1.00 46.60 ? 139 HOH A O      1 
HETATM 442 H  H1     . HOH C 3 . ? 3.757   6.053   -6.640  1.00 0.00  ? 139 HOH A H1     1 
HETATM 443 H  H2     . HOH C 3 . ? 4.367   5.329   -5.458  1.00 0.00  ? 139 HOH A H2     1 
HETATM 444 O  O      . HOH C 3 . ? -0.896  6.279   -13.799 1.00 67.83 ? 141 HOH A O      1 
HETATM 445 H  H1     . HOH C 3 . ? -0.652  6.602   -14.667 1.00 0.00  ? 141 HOH A H1     1 
HETATM 446 H  H2     . HOH C 3 . ? -0.188  5.681   -13.566 1.00 0.00  ? 141 HOH A H2     1 
HETATM 447 O  O      . HOH C 3 . ? -8.041  -7.019  -3.953  1.00 50.83 ? 144 HOH A O      1 
HETATM 448 H  H1     . HOH C 3 . ? -7.658  -6.375  -4.550  1.00 0.00  ? 144 HOH A H1     1 
HETATM 449 H  H2     . HOH C 3 . ? -8.844  -7.296  -4.394  1.00 0.00  ? 144 HOH A H2     1 
HETATM 450 O  O      . HOH C 3 . ? -5.461  -14.548 -1.743  1.00 65.90 ? 145 HOH A O      1 
HETATM 451 H  H1     . HOH C 3 . ? -5.184  -13.631 -1.756  1.00 0.00  ? 145 HOH A H1     1 
HETATM 452 H  H2     . HOH C 3 . ? -5.359  -14.797 -0.824  1.00 0.00  ? 145 HOH A H2     1 
HETATM 453 O  O      . HOH C 3 . ? -4.454  -10.952 0.664   1.00 59.65 ? 146 HOH A O      1 
HETATM 454 H  H1     . HOH C 3 . ? -4.234  -11.643 1.289   1.00 0.00  ? 146 HOH A H1     1 
HETATM 455 H  H2     . HOH C 3 . ? -3.986  -10.181 0.983   1.00 0.00  ? 146 HOH A H2     1 
HETATM 456 O  O      . HOH C 3 . ? -8.872  -9.637  3.360   1.00 69.63 ? 147 HOH A O      1 
HETATM 457 H  H1     . HOH C 3 . ? -8.906  -9.241  4.230   1.00 0.00  ? 147 HOH A H1     1 
HETATM 458 H  H2     . HOH C 3 . ? -9.767  -9.555  3.032   1.00 0.00  ? 147 HOH A H2     1 
HETATM 459 O  O      . HOH C 3 . ? -0.718  7.521   -6.422  1.00 65.79 ? 149 HOH A O      1 
HETATM 460 H  H1     . HOH C 3 . ? 0.171   7.173   -6.355  1.00 0.00  ? 149 HOH A H1     1 
HETATM 461 H  H2     . HOH C 3 . ? -1.058  7.159   -7.240  1.00 0.00  ? 149 HOH A H2     1 
HETATM 462 O  O      . HOH C 3 . ? -5.392  10.173  -13.010 1.00 50.31 ? 150 HOH A O      1 
HETATM 463 H  H1     . HOH C 3 . ? -5.995  10.740  -13.484 1.00 0.00  ? 150 HOH A H1     1 
HETATM 464 H  H2     . HOH C 3 . ? -5.719  10.163  -12.110 1.00 0.00  ? 150 HOH A H2     1 
HETATM 465 O  O      . HOH C 3 . ? -8.459  -7.604  -0.268  1.00 64.82 ? 151 HOH A O      1 
HETATM 466 H  H1     . HOH C 3 . ? -8.875  -6.744  -0.199  1.00 0.00  ? 151 HOH A H1     1 
HETATM 467 H  H2     . HOH C 3 . ? -7.603  -7.430  -0.658  1.00 0.00  ? 151 HOH A H2     1 
HETATM 468 O  O      . HOH C 3 . ? -2.616  -6.514  11.981  1.00 65.00 ? 152 HOH A O      1 
HETATM 469 H  H1     . HOH C 3 . ? -3.173  -7.261  11.769  1.00 0.00  ? 152 HOH A H1     1 
HETATM 470 H  H2     . HOH C 3 . ? -1.950  -6.511  11.291  1.00 0.00  ? 152 HOH A H2     1 
HETATM 471 O  O      . HOH C 3 . ? -4.713  -5.394  9.369   1.00 61.03 ? 154 HOH A O      1 
HETATM 472 H  H1     . HOH C 3 . ? -5.010  -6.122  9.912   1.00 0.00  ? 154 HOH A H1     1 
HETATM 473 H  H2     . HOH C 3 . ? -3.757  -5.442  9.387   1.00 0.00  ? 154 HOH A H2     1 
HETATM 474 O  O      . HOH D 3 . ? -6.577  -0.570  5.047   1.00 49.51 ? 104 HOH B O      1 
HETATM 475 H  H1     . HOH D 3 . ? -5.694  -0.776  5.355   1.00 0.00  ? 104 HOH B H1     1 
HETATM 476 H  H2     . HOH D 3 . ? -7.066  -0.350  5.841   1.00 0.00  ? 104 HOH B H2     1 
HETATM 477 O  O      . HOH D 3 . ? 6.601   2.636   -4.583  1.00 50.45 ? 105 HOH B O      1 
HETATM 478 H  H1     . HOH D 3 . ? 7.366   3.148   -4.317  1.00 0.00  ? 105 HOH B H1     1 
HETATM 479 H  H2     . HOH D 3 . ? 6.365   2.143   -3.796  1.00 0.00  ? 105 HOH B H2     1 
HETATM 480 O  O      . HOH D 3 . ? 1.293   -3.846  -10.413 1.00 40.43 ? 106 HOH B O      1 
HETATM 481 H  H1     . HOH D 3 . ? 1.343   -3.498  -9.524  1.00 0.00  ? 106 HOH B H1     1 
HETATM 482 H  H2     . HOH D 3 . ? 2.199   -3.865  -10.724 1.00 0.00  ? 106 HOH B H2     1 
HETATM 483 O  O      . HOH D 3 . ? 4.874   -6.170  -5.435  1.00 39.57 ? 107 HOH B O      1 
HETATM 484 H  H1     . HOH D 3 . ? 4.392   -6.842  -5.952  1.00 0.00  ? 107 HOH B H1     1 
HETATM 485 H  H2     . HOH D 3 . ? 5.663   -6.631  -5.147  1.00 0.00  ? 107 HOH B H2     1 
HETATM 486 O  O      . HOH D 3 . ? -10.483 6.533   8.073   1.00 36.36 ? 108 HOH B O      1 
HETATM 487 H  H1     . HOH D 3 . ? -10.498 5.736   7.542   1.00 0.00  ? 108 HOH B H1     1 
HETATM 488 H  H2     . HOH D 3 . ? -10.194 6.266   8.962   1.00 0.00  ? 108 HOH B H2     1 
HETATM 489 O  O      . HOH D 3 . ? 7.812   -7.682  -12.853 1.00 36.44 ? 109 HOH B O      1 
HETATM 490 H  H1     . HOH D 3 . ? 8.482   -8.361  -12.768 1.00 0.00  ? 109 HOH B H1     1 
HETATM 491 H  H2     . HOH D 3 . ? 7.224   -7.849  -12.109 1.00 0.00  ? 109 HOH B H2     1 
HETATM 492 O  O      . HOH D 3 . ? 9.844   1.483   -12.634 1.00 69.79 ? 112 HOH B O      1 
HETATM 493 H  H1     . HOH D 3 . ? 9.288   1.346   -11.868 1.00 0.00  ? 112 HOH B H1     1 
HETATM 494 H  H2     . HOH D 3 . ? 9.214   1.582   -13.347 1.00 0.00  ? 112 HOH B H2     1 
HETATM 495 O  O      . HOH D 3 . ? 6.510   -6.300  -2.528  1.00 46.62 ? 113 HOH B O      1 
HETATM 496 H  H1     . HOH D 3 . ? 6.229   -5.861  -3.324  1.00 0.00  ? 113 HOH B H1     1 
HETATM 497 H  H2     . HOH D 3 . ? 6.951   -7.099  -2.850  1.00 0.00  ? 113 HOH B H2     1 
HETATM 498 O  O      . HOH D 3 . ? -0.842  0.125   -14.496 1.00 35.22 ? 114 HOH B O      1 
HETATM 499 H  H1     . HOH D 3 . ? -1.162  1.024   -14.423 1.00 0.00  ? 114 HOH B H1     1 
HETATM 500 H  H2     . HOH D 3 . ? -1.647  -0.366  -14.679 1.00 0.00  ? 114 HOH B H2     1 
HETATM 501 O  O      . HOH D 3 . ? 6.372   -2.366  4.241   1.00 29.57 ? 115 HOH B O      1 
HETATM 502 H  H1     . HOH D 3 . ? 5.667   -2.639  3.657   1.00 0.00  ? 115 HOH B H1     1 
HETATM 503 H  H2     . HOH D 3 . ? 6.979   -3.117  4.243   1.00 0.00  ? 115 HOH B H2     1 
HETATM 504 O  O      . HOH D 3 . ? 2.808   2.880   -2.287  1.00 66.77 ? 116 HOH B O      1 
HETATM 505 H  H1     . HOH D 3 . ? 2.360   2.132   -2.684  1.00 0.00  ? 116 HOH B H1     1 
HETATM 506 H  H2     . HOH D 3 . ? 3.516   3.083   -2.898  1.00 0.00  ? 116 HOH B H2     1 
HETATM 507 O  O      . HOH D 3 . ? -2.150  1.936   1.672   1.00 37.28 ? 117 HOH B O      1 
HETATM 508 H  H1     . HOH D 3 . ? -2.249  2.614   2.339   1.00 0.00  ? 117 HOH B H1     1 
HETATM 509 H  H2     . HOH D 3 . ? -2.786  2.168   0.996   1.00 0.00  ? 117 HOH B H2     1 
HETATM 510 O  O      . HOH D 3 . ? 8.171   1.007   -7.282  1.00 45.24 ? 118 HOH B O      1 
HETATM 511 H  H1     . HOH D 3 . ? 7.277   1.179   -6.982  1.00 0.00  ? 118 HOH B H1     1 
HETATM 512 H  H2     . HOH D 3 . ? 8.252   0.054   -7.249  1.00 0.00  ? 118 HOH B H2     1 
HETATM 513 O  O      . HOH D 3 . ? -4.979  7.826   9.367   1.00 54.82 ? 121 HOH B O      1 
HETATM 514 H  H1     . HOH D 3 . ? -5.104  8.762   9.183   1.00 0.00  ? 121 HOH B H1     1 
HETATM 515 H  H2     . HOH D 3 . ? -5.077  7.409   8.512   1.00 0.00  ? 121 HOH B H2     1 
HETATM 516 O  O      . HOH D 3 . ? 0.418   6.119   9.095   1.00 47.52 ? 122 HOH B O      1 
HETATM 517 H  H1     . HOH D 3 . ? 0.719   5.459   9.726   1.00 0.00  ? 122 HOH B H1     1 
HETATM 518 H  H2     . HOH D 3 . ? 0.060   5.610   8.370   1.00 0.00  ? 122 HOH B H2     1 
HETATM 519 O  O      . HOH D 3 . ? -4.711  3.965   1.851   1.00 60.21 ? 123 HOH B O      1 
HETATM 520 H  H1     . HOH D 3 . ? -5.233  3.161   1.831   1.00 0.00  ? 123 HOH B H1     1 
HETATM 521 H  H2     . HOH D 3 . ? -5.359  4.668   1.875   1.00 0.00  ? 123 HOH B H2     1 
HETATM 522 O  O      . HOH D 3 . ? 8.165   -0.805  -12.197 1.00 50.22 ? 124 HOH B O      1 
HETATM 523 H  H1     . HOH D 3 . ? 7.598   -1.137  -12.897 1.00 0.00  ? 124 HOH B H1     1 
HETATM 524 H  H2     . HOH D 3 . ? 8.742   -1.529  -11.946 1.00 0.00  ? 124 HOH B H2     1 
HETATM 525 O  O      . HOH D 3 . ? -11.885 8.401   1.620   1.00 37.77 ? 129 HOH B O      1 
HETATM 526 H  H1     . HOH D 3 . ? -11.386 7.673   1.272   1.00 0.00  ? 129 HOH B H1     1 
HETATM 527 H  H2     . HOH D 3 . ? -12.095 8.932   0.847   1.00 0.00  ? 129 HOH B H2     1 
HETATM 528 O  O      . HOH D 3 . ? 8.810   -0.152  -9.633  1.00 55.61 ? 131 HOH B O      1 
HETATM 529 H  H1     . HOH D 3 . ? 9.073   0.509   -8.990  1.00 0.00  ? 131 HOH B H1     1 
HETATM 530 H  H2     . HOH D 3 . ? 8.341   0.337   -10.303 1.00 0.00  ? 131 HOH B H2     1 
HETATM 531 O  O      . HOH D 3 . ? -8.500  10.160  -0.301  1.00 50.56 ? 132 HOH B O      1 
HETATM 532 H  H1     . HOH D 3 . ? -8.952  10.849  -0.793  1.00 0.00  ? 132 HOH B H1     1 
HETATM 533 H  H2     . HOH D 3 . ? -7.711  10.593  0.019   1.00 0.00  ? 132 HOH B H2     1 
HETATM 534 O  O      . HOH D 3 . ? 8.471   -7.357  -1.158  1.00 52.01 ? 134 HOH B O      1 
HETATM 535 H  H1     . HOH D 3 . ? 8.209   -7.193  -2.070  1.00 0.00  ? 134 HOH B H1     1 
HETATM 536 H  H2     . HOH D 3 . ? 8.584   -6.495  -0.761  1.00 0.00  ? 134 HOH B H2     1 
HETATM 537 O  O      . HOH D 3 . ? -2.205  7.592   9.794   1.00 74.26 ? 135 HOH B O      1 
HETATM 538 H  H1     . HOH D 3 . ? -1.490  7.554   9.156   1.00 0.00  ? 135 HOH B H1     1 
HETATM 539 H  H2     . HOH D 3 . ? -1.756  7.583   10.641  1.00 0.00  ? 135 HOH B H2     1 
HETATM 540 O  O      . HOH D 3 . ? 5.972   3.361   -0.879  1.00 56.00 ? 136 HOH B O      1 
HETATM 541 H  H1     . HOH D 3 . ? 5.115   3.435   -1.300  1.00 0.00  ? 136 HOH B H1     1 
HETATM 542 H  H2     . HOH D 3 . ? 5.929   3.984   -0.153  1.00 0.00  ? 136 HOH B H2     1 
HETATM 543 O  O      . HOH D 3 . ? 14.466  2.171   1.915   1.00 52.53 ? 137 HOH B O      1 
HETATM 544 H  H1     . HOH D 3 . ? 13.718  1.668   2.240   1.00 0.00  ? 137 HOH B H1     1 
HETATM 545 H  H2     . HOH D 3 . ? 15.229  1.722   2.286   1.00 0.00  ? 137 HOH B H2     1 
HETATM 546 O  O      . HOH D 3 . ? -6.845  1.854   3.343   1.00 51.28 ? 138 HOH B O      1 
HETATM 547 H  H1     . HOH D 3 . ? -7.212  2.736   3.426   1.00 0.00  ? 138 HOH B H1     1 
HETATM 548 H  H2     . HOH D 3 . ? -7.195  1.528   2.514   1.00 0.00  ? 138 HOH B H2     1 
HETATM 549 O  O      . HOH D 3 . ? 6.721   3.195   -9.343  1.00 68.45 ? 140 HOH B O      1 
HETATM 550 H  H1     . HOH D 3 . ? 7.151   2.347   -9.254  1.00 0.00  ? 140 HOH B H1     1 
HETATM 551 H  H2     . HOH D 3 . ? 5.821   2.996   -9.598  1.00 0.00  ? 140 HOH B H2     1 
HETATM 552 O  O      . HOH D 3 . ? -8.344  -2.521  7.913   1.00 58.84 ? 142 HOH B O      1 
HETATM 553 H  H1     . HOH D 3 . ? -8.128  -1.665  8.282   1.00 0.00  ? 142 HOH B H1     1 
HETATM 554 H  H2     . HOH D 3 . ? -9.300  -2.555  7.950   1.00 0.00  ? 142 HOH B H2     1 
HETATM 555 O  O      . HOH D 3 . ? 10.667  -0.176  -6.088  1.00 47.06 ? 143 HOH B O      1 
HETATM 556 H  H1     . HOH D 3 . ? 10.634  -0.974  -6.621  1.00 0.00  ? 143 HOH B H1     1 
HETATM 557 H  H2     . HOH D 3 . ? 10.570  0.538   -6.718  1.00 0.00  ? 143 HOH B H2     1 
HETATM 558 O  O      . HOH D 3 . ? 3.411   11.908  5.277   1.00 47.88 ? 148 HOH B O      1 
HETATM 559 H  H1     . HOH D 3 . ? 2.963   11.346  4.647   1.00 0.00  ? 148 HOH B H1     1 
HETATM 560 H  H2     . HOH D 3 . ? 3.957   12.467  4.721   1.00 0.00  ? 148 HOH B H2     1 
HETATM 561 O  O      . HOH D 3 . ? 13.466  -0.961  -6.151  1.00 62.12 ? 153 HOH B O      1 
HETATM 562 H  H1     . HOH D 3 . ? 13.261  -1.319  -7.018  1.00 0.00  ? 153 HOH B H1     1 
HETATM 563 H  H2     . HOH D 3 . ? 13.103  -1.598  -5.535  1.00 0.00  ? 153 HOH B H2     1 
HETATM 564 O  O      . HOH D 3 . ? -1.103  12.305  1.865   1.00 55.51 ? 155 HOH B O      1 
HETATM 565 H  H1     . HOH D 3 . ? -1.749  12.818  1.378   1.00 0.00  ? 155 HOH B H1     1 
HETATM 566 H  H2     . HOH D 3 . ? -1.275  11.399  1.610   1.00 0.00  ? 155 HOH B H2     1 
HETATM 567 O  O      . HOH D 3 . ? 2.691   6.747   -11.889 1.00 60.69 ? 156 HOH B O      1 
HETATM 568 H  H1     . HOH D 3 . ? 3.137   7.503   -12.272 1.00 0.00  ? 156 HOH B H1     1 
HETATM 569 H  H2     . HOH D 3 . ? 2.802   6.861   -10.946 1.00 0.00  ? 156 HOH B H2     1 
# 
